data_6H8P
#
_entry.id   6H8P
#
_cell.length_a   100.722
_cell.length_b   150.146
_cell.length_c   57.601
_cell.angle_alpha   90.00
_cell.angle_beta   90.00
_cell.angle_gamma   90.00
#
_symmetry.space_group_name_H-M   'P 21 21 2'
#
loop_
_entity.id
_entity.type
_entity.pdbx_description
1 polymer 'Lysine-specific demethylase 4A'
2 polymer 'Histone H1.4'
3 non-polymer 'NICKEL (II) ION'
4 non-polymer 'ZINC ION'
5 non-polymer 'CHLORIDE ION'
6 non-polymer N-OXALYLGLYCINE
7 non-polymer GLYCEROL
8 water water
#
loop_
_entity_poly.entity_id
_entity_poly.type
_entity_poly.pdbx_seq_one_letter_code
_entity_poly.pdbx_strand_id
1 'polypeptide(L)'
;MHHHHHHSSGVDLGTENLYFQSMASESETLNPSARIMTFYPTMEEFRNFSRYIAYIESQGAHRAGLAKVVPPKEWKPRAS
YDDIDDLVIPAPIQQLVTGQSGLFTQYNIQKKAMTVREFRKIANSDKYCTPRYSEFEELERKYWKNLTFNPPIYGADVNG
TLYEKHVDEWNIGRLRTILDLVEKESGITIEGVNTPYLYFGMWKTSFAWHTEDMDLYSINYLHFGEPKSWYSVPPEHGKR
LERLAKGFFPGSAQSCEAFLRHKMTLISPLMLKKYGIPFDKVTQEAGEFMITFPYGYHAGFNHGFNCAESTNFATRRWIE
YGKQAVLCSCRKDMVKISMDVFVRKFQPERYKLWKAGKDNTVIDHTLPTPEAAEFLKESEL
;
A,B
2 'polypeptide(L)' TPVKKKAR(M3L)SAGAAK C,D
#
loop_
_chem_comp.id
_chem_comp.type
_chem_comp.name
_chem_comp.formula
CL non-polymer 'CHLORIDE ION' 'Cl -1'
GOL non-polymer GLYCEROL 'C3 H8 O3'
NI non-polymer 'NICKEL (II) ION' 'Ni 2'
OGA non-polymer N-OXALYLGLYCINE 'C4 H5 N O5'
ZN non-polymer 'ZINC ION' 'Zn 2'
#
# COMPACT_ATOMS: atom_id res chain seq x y z
N ASN A 31 -0.40 -7.08 13.03
CA ASN A 31 0.86 -6.61 13.58
C ASN A 31 1.83 -6.19 12.48
N PRO A 32 1.99 -4.88 12.29
CA PRO A 32 2.91 -4.39 11.25
C PRO A 32 4.36 -4.77 11.46
N SER A 33 4.78 -5.10 12.68
CA SER A 33 6.13 -5.60 12.87
C SER A 33 6.37 -6.86 12.06
N ALA A 34 5.30 -7.56 11.66
CA ALA A 34 5.39 -8.74 10.83
C ALA A 34 4.70 -8.57 9.47
N ARG A 35 4.43 -7.33 9.07
CA ARG A 35 3.82 -7.06 7.76
C ARG A 35 4.92 -6.76 6.73
N ILE A 36 4.63 -7.10 5.48
CA ILE A 36 5.63 -6.94 4.42
C ILE A 36 5.95 -5.46 4.26
N MET A 37 7.23 -5.13 4.32
CA MET A 37 7.71 -3.77 4.21
C MET A 37 8.32 -3.53 2.83
N THR A 38 8.24 -2.27 2.39
CA THR A 38 8.78 -1.82 1.12
C THR A 38 9.79 -0.71 1.38
N PHE A 39 10.91 -0.76 0.66
CA PHE A 39 12.00 0.17 0.87
C PHE A 39 12.41 0.84 -0.42
N TYR A 40 12.93 2.07 -0.30
CA TYR A 40 13.26 2.91 -1.44
C TYR A 40 14.65 3.50 -1.27
N PRO A 41 15.69 2.72 -1.56
CA PRO A 41 17.05 3.21 -1.31
C PRO A 41 17.50 4.26 -2.31
N THR A 42 18.36 5.17 -1.82
CA THR A 42 19.08 6.07 -2.70
C THR A 42 20.17 5.30 -3.45
N MET A 43 20.85 6.00 -4.36
CA MET A 43 21.95 5.34 -5.07
C MET A 43 23.10 5.03 -4.12
N GLU A 44 23.44 5.97 -3.22
CA GLU A 44 24.50 5.71 -2.26
C GLU A 44 24.17 4.49 -1.40
N GLU A 45 22.92 4.39 -0.95
CA GLU A 45 22.53 3.24 -0.13
C GLU A 45 22.47 1.96 -0.95
N PHE A 46 22.13 2.07 -2.24
CA PHE A 46 21.94 0.91 -3.10
C PHE A 46 23.25 0.22 -3.45
N ARG A 47 24.39 0.92 -3.32
CA ARG A 47 25.65 0.39 -3.82
C ARG A 47 26.06 -0.89 -3.09
N ASN A 48 25.94 -0.90 -1.77
CA ASN A 48 26.41 -2.02 -0.96
C ASN A 48 25.22 -2.94 -0.64
N PHE A 49 25.21 -4.12 -1.26
CA PHE A 49 24.05 -5.00 -1.16
C PHE A 49 23.91 -5.58 0.24
N SER A 50 24.92 -6.34 0.70
CA SER A 50 24.83 -6.95 2.03
C SER A 50 24.58 -5.90 3.11
N ARG A 51 25.14 -4.70 2.95
CA ARG A 51 24.92 -3.64 3.93
C ARG A 51 23.44 -3.23 3.96
N TYR A 52 22.81 -3.14 2.79
CA TYR A 52 21.41 -2.71 2.76
C TYR A 52 20.51 -3.79 3.34
N ILE A 53 20.83 -5.06 3.06
CA ILE A 53 20.08 -6.15 3.68
C ILE A 53 20.16 -6.03 5.20
N ALA A 54 21.36 -5.74 5.71
CA ALA A 54 21.49 -5.50 7.15
C ALA A 54 20.60 -4.35 7.59
N TYR A 55 20.54 -3.28 6.78
CA TYR A 55 19.69 -2.14 7.12
C TYR A 55 18.23 -2.55 7.25
N ILE A 56 17.70 -3.24 6.24
CA ILE A 56 16.27 -3.53 6.28
C ILE A 56 15.97 -4.46 7.45
N GLU A 57 16.92 -5.35 7.80
CA GLU A 57 16.69 -6.15 9.00
C GLU A 57 16.68 -5.25 10.25
N SER A 58 17.54 -4.22 10.29
CA SER A 58 17.47 -3.28 11.42
C SER A 58 16.10 -2.63 11.51
N GLN A 59 15.41 -2.51 10.38
CA GLN A 59 14.08 -1.95 10.28
C GLN A 59 12.98 -2.98 10.50
N GLY A 60 13.34 -4.23 10.76
CA GLY A 60 12.38 -5.26 11.05
C GLY A 60 11.84 -6.01 9.86
N ALA A 61 12.42 -5.81 8.68
CA ALA A 61 11.83 -6.35 7.46
C ALA A 61 11.79 -7.88 7.44
N HIS A 62 12.72 -8.53 8.14
CA HIS A 62 12.80 -9.99 8.09
C HIS A 62 11.61 -10.65 8.79
N ARG A 63 10.91 -9.95 9.68
CA ARG A 63 9.86 -10.60 10.44
C ARG A 63 8.70 -11.05 9.56
N ALA A 64 8.42 -10.34 8.48
CA ALA A 64 7.38 -10.77 7.56
C ALA A 64 7.78 -11.99 6.74
N GLY A 65 9.08 -12.27 6.65
CA GLY A 65 9.58 -13.29 5.76
C GLY A 65 9.79 -12.84 4.34
N LEU A 66 9.31 -11.65 3.98
CA LEU A 66 9.35 -11.15 2.62
C LEU A 66 9.38 -9.63 2.67
N ALA A 67 10.16 -9.03 1.78
CA ALA A 67 10.27 -7.58 1.70
C ALA A 67 10.45 -7.16 0.25
N LYS A 68 9.94 -5.98 -0.09
CA LYS A 68 10.12 -5.42 -1.41
C LYS A 68 11.14 -4.28 -1.36
N VAL A 69 11.99 -4.22 -2.38
CA VAL A 69 12.98 -3.16 -2.52
C VAL A 69 12.83 -2.57 -3.92
N VAL A 70 12.51 -1.28 -3.96
CA VAL A 70 12.33 -0.56 -5.21
C VAL A 70 13.67 0.10 -5.56
N PRO A 71 14.29 -0.25 -6.68
CA PRO A 71 15.59 0.33 -6.99
C PRO A 71 15.44 1.78 -7.45
N PRO A 72 16.44 2.61 -7.20
CA PRO A 72 16.37 4.00 -7.65
C PRO A 72 16.16 4.05 -9.16
N LYS A 73 15.55 5.14 -9.63
CA LYS A 73 15.15 5.22 -11.03
C LYS A 73 16.35 5.28 -11.97
N GLU A 74 17.47 5.84 -11.52
CA GLU A 74 18.66 5.86 -12.36
C GLU A 74 19.08 4.46 -12.75
N TRP A 75 18.99 3.52 -11.82
CA TRP A 75 19.52 2.18 -12.00
C TRP A 75 18.75 1.41 -13.06
N LYS A 76 19.49 0.78 -13.98
CA LYS A 76 18.94 -0.07 -15.02
C LYS A 76 19.87 -1.26 -15.20
N PRO A 77 19.32 -2.47 -15.40
CA PRO A 77 20.19 -3.65 -15.53
C PRO A 77 20.47 -4.10 -16.95
N ARG A 78 19.56 -3.77 -17.87
CA ARG A 78 19.72 -4.12 -19.29
C ARG A 78 19.10 -2.97 -20.08
N ALA A 79 19.81 -2.47 -21.08
CA ALA A 79 19.28 -1.36 -21.87
C ALA A 79 17.97 -1.77 -22.55
N SER A 80 17.91 -2.99 -23.08
CA SER A 80 16.73 -3.44 -23.79
C SER A 80 16.59 -4.95 -23.65
N TYR A 81 15.34 -5.41 -23.68
CA TYR A 81 15.02 -6.83 -23.62
C TYR A 81 14.54 -7.38 -24.97
N ASP A 82 14.92 -6.73 -26.06
CA ASP A 82 14.53 -7.17 -27.38
C ASP A 82 15.57 -8.08 -28.02
N ASP A 83 16.79 -8.12 -27.48
CA ASP A 83 17.84 -8.97 -28.01
C ASP A 83 17.85 -10.37 -27.38
N ILE A 84 16.81 -10.77 -26.65
CA ILE A 84 16.81 -12.05 -25.97
C ILE A 84 15.82 -13.03 -26.60
N ASP A 85 15.27 -12.72 -27.77
CA ASP A 85 14.25 -13.61 -28.33
C ASP A 85 14.80 -14.96 -28.75
N ASP A 86 16.12 -15.08 -28.90
CA ASP A 86 16.74 -16.36 -29.23
C ASP A 86 17.29 -17.07 -28.00
N LEU A 87 17.01 -16.55 -26.80
CA LEU A 87 17.29 -17.29 -25.59
C LEU A 87 16.43 -18.55 -25.55
N VAL A 88 17.05 -19.66 -25.20
CA VAL A 88 16.37 -20.95 -25.21
C VAL A 88 15.92 -21.30 -23.80
N ILE A 89 14.68 -21.77 -23.68
CA ILE A 89 14.15 -22.31 -22.43
C ILE A 89 14.28 -23.83 -22.47
N PRO A 90 15.31 -24.41 -21.83
CA PRO A 90 15.57 -25.84 -22.07
C PRO A 90 14.48 -26.78 -21.58
N ALA A 91 13.81 -26.48 -20.47
CA ALA A 91 12.87 -27.41 -19.86
C ALA A 91 11.62 -26.71 -19.35
N PRO A 92 10.76 -26.26 -20.27
CA PRO A 92 9.44 -25.77 -19.87
C PRO A 92 8.69 -26.83 -19.07
N ILE A 93 7.88 -26.38 -18.12
CA ILE A 93 7.04 -27.29 -17.34
C ILE A 93 5.59 -26.85 -17.43
N GLN A 94 4.71 -27.82 -17.66
CA GLN A 94 3.27 -27.61 -17.67
C GLN A 94 2.74 -27.97 -16.29
N GLN A 95 1.97 -27.05 -15.70
CA GLN A 95 1.60 -27.12 -14.29
C GLN A 95 0.18 -27.66 -14.16
N LEU A 96 0.06 -28.96 -13.96
CA LEU A 96 -1.21 -29.62 -13.71
C LEU A 96 -1.53 -29.51 -12.23
N VAL A 97 -2.74 -29.09 -11.90
CA VAL A 97 -3.12 -28.87 -10.51
C VAL A 97 -4.38 -29.63 -10.22
N THR A 98 -4.37 -30.41 -9.14
CA THR A 98 -5.54 -31.14 -8.69
C THR A 98 -5.84 -30.75 -7.24
N GLY A 99 -7.10 -30.54 -6.93
CA GLY A 99 -7.45 -30.27 -5.55
C GLY A 99 -8.83 -29.65 -5.43
N GLN A 100 -9.15 -29.28 -4.20
CA GLN A 100 -10.45 -28.68 -3.89
C GLN A 100 -10.37 -27.97 -2.54
N SER A 101 -11.36 -27.09 -2.31
CA SER A 101 -11.55 -26.43 -1.02
C SER A 101 -10.27 -25.76 -0.52
N GLY A 102 -9.54 -25.17 -1.45
CA GLY A 102 -8.35 -24.40 -1.12
C GLY A 102 -7.09 -25.20 -0.88
N LEU A 103 -7.13 -26.51 -1.11
CA LEU A 103 -5.98 -27.40 -0.91
C LEU A 103 -5.70 -28.07 -2.25
N PHE A 104 -4.48 -27.87 -2.77
CA PHE A 104 -4.14 -28.38 -4.08
C PHE A 104 -2.74 -28.96 -4.08
N THR A 105 -2.53 -29.86 -5.05
CA THR A 105 -1.24 -30.44 -5.37
C THR A 105 -0.91 -30.15 -6.82
N GLN A 106 0.33 -29.74 -7.05
CA GLN A 106 0.80 -29.34 -8.37
C GLN A 106 1.80 -30.37 -8.90
N TYR A 107 1.52 -30.89 -10.09
CA TYR A 107 2.38 -31.81 -10.81
C TYR A 107 2.99 -31.07 -12.00
N ASN A 108 4.29 -31.25 -12.20
CA ASN A 108 4.99 -30.58 -13.29
C ASN A 108 5.29 -31.59 -14.40
N ILE A 109 5.04 -31.17 -15.63
CA ILE A 109 5.27 -31.99 -16.82
C ILE A 109 6.34 -31.31 -17.66
N GLN A 110 7.48 -31.96 -17.83
CA GLN A 110 8.50 -31.38 -18.68
C GLN A 110 8.02 -31.35 -20.12
N LYS A 111 8.36 -30.28 -20.81
CA LYS A 111 7.95 -30.07 -22.18
C LYS A 111 9.18 -29.88 -23.05
N LYS A 112 9.00 -30.01 -24.36
CA LYS A 112 10.11 -29.84 -25.28
C LYS A 112 10.67 -28.42 -25.15
N ALA A 113 11.98 -28.30 -25.33
CA ALA A 113 12.61 -27.00 -25.25
C ALA A 113 11.91 -26.03 -26.21
N MET A 114 11.95 -24.75 -25.87
CA MET A 114 11.36 -23.74 -26.72
C MET A 114 12.07 -22.41 -26.48
N THR A 115 11.91 -21.50 -27.42
CA THR A 115 12.55 -20.21 -27.35
C THR A 115 11.68 -19.22 -26.58
N VAL A 116 12.32 -18.15 -26.10
CA VAL A 116 11.58 -17.05 -25.50
C VAL A 116 10.50 -16.57 -26.46
N ARG A 117 10.85 -16.48 -27.75
N ARG A 117 10.84 -16.48 -27.75
CA ARG A 117 9.91 -16.04 -28.77
CA ARG A 117 9.88 -16.02 -28.74
C ARG A 117 8.67 -16.93 -28.79
C ARG A 117 8.65 -16.93 -28.77
N GLU A 118 8.85 -18.24 -28.87
CA GLU A 118 7.71 -19.16 -28.88
C GLU A 118 6.91 -19.05 -27.58
N PHE A 119 7.62 -18.95 -26.46
CA PHE A 119 6.94 -18.85 -25.17
C PHE A 119 6.08 -17.60 -25.12
N ARG A 120 6.68 -16.44 -25.41
CA ARG A 120 5.94 -15.18 -25.47
C ARG A 120 4.70 -15.31 -26.32
N LYS A 121 4.83 -15.97 -27.48
CA LYS A 121 3.63 -16.10 -28.34
C LYS A 121 2.54 -16.92 -27.65
N ILE A 122 2.92 -18.02 -26.98
CA ILE A 122 1.88 -18.81 -26.30
C ILE A 122 1.32 -18.07 -25.09
N ALA A 123 2.14 -17.28 -24.41
CA ALA A 123 1.68 -16.58 -23.21
C ALA A 123 0.72 -15.46 -23.59
N ASN A 124 1.15 -14.57 -24.50
CA ASN A 124 0.31 -13.49 -25.00
C ASN A 124 -0.82 -14.01 -25.88
N SER A 125 -0.83 -15.31 -26.19
CA SER A 125 -1.91 -15.99 -26.88
C SER A 125 -3.27 -15.78 -26.20
N ASP A 126 -4.36 -15.99 -26.94
CA ASP A 126 -5.67 -15.70 -26.38
C ASP A 126 -6.06 -16.73 -25.31
N LYS A 127 -5.67 -18.00 -25.49
CA LYS A 127 -6.13 -19.03 -24.55
C LYS A 127 -5.34 -19.03 -23.23
N TYR A 128 -4.18 -18.38 -23.19
CA TYR A 128 -3.35 -18.38 -21.99
C TYR A 128 -2.99 -16.97 -21.53
N CYS A 129 -3.66 -15.95 -22.05
CA CYS A 129 -3.40 -14.58 -21.60
C CYS A 129 -4.24 -14.26 -20.37
N THR A 130 -3.87 -13.16 -19.73
CA THR A 130 -4.57 -12.68 -18.54
C THR A 130 -6.05 -12.43 -18.85
N PRO A 131 -6.98 -12.86 -18.00
CA PRO A 131 -8.37 -12.44 -18.17
C PRO A 131 -8.51 -10.95 -17.89
N ARG A 132 -9.62 -10.38 -18.33
CA ARG A 132 -9.91 -9.00 -17.97
C ARG A 132 -10.26 -8.94 -16.49
N TYR A 133 -9.92 -7.82 -15.86
CA TYR A 133 -10.16 -7.64 -14.44
C TYR A 133 -9.94 -6.16 -14.14
N SER A 134 -10.57 -5.70 -13.07
CA SER A 134 -10.47 -4.31 -12.66
C SER A 134 -9.42 -4.08 -11.57
N GLU A 135 -9.37 -4.95 -10.56
CA GLU A 135 -8.48 -4.80 -9.41
C GLU A 135 -7.78 -6.12 -9.12
N PHE A 136 -6.71 -6.04 -8.33
N PHE A 136 -6.70 -6.05 -8.35
CA PHE A 136 -5.92 -7.24 -8.03
CA PHE A 136 -5.93 -7.26 -8.08
C PHE A 136 -6.76 -8.27 -7.30
C PHE A 136 -6.77 -8.28 -7.30
N GLU A 137 -7.67 -7.83 -6.43
CA GLU A 137 -8.51 -8.78 -5.70
C GLU A 137 -9.28 -9.68 -6.65
N GLU A 138 -9.74 -9.11 -7.77
CA GLU A 138 -10.47 -9.90 -8.75
C GLU A 138 -9.56 -10.90 -9.45
N LEU A 139 -8.36 -10.46 -9.84
CA LEU A 139 -7.42 -11.38 -10.45
C LEU A 139 -7.09 -12.53 -9.51
N GLU A 140 -6.89 -12.21 -8.23
CA GLU A 140 -6.59 -13.22 -7.21
C GLU A 140 -7.74 -14.20 -7.07
N ARG A 141 -8.98 -13.70 -7.07
CA ARG A 141 -10.14 -14.57 -7.04
C ARG A 141 -10.14 -15.53 -8.23
N LYS A 142 -9.88 -14.99 -9.43
CA LYS A 142 -9.88 -15.83 -10.62
C LYS A 142 -8.75 -16.85 -10.57
N TYR A 143 -7.60 -16.49 -10.00
CA TYR A 143 -6.52 -17.46 -9.87
C TYR A 143 -6.96 -18.64 -9.01
N TRP A 144 -7.49 -18.36 -7.81
CA TRP A 144 -7.87 -19.46 -6.92
C TRP A 144 -9.12 -20.19 -7.40
N LYS A 145 -9.93 -19.56 -8.26
CA LYS A 145 -11.09 -20.26 -8.81
C LYS A 145 -10.72 -21.15 -9.98
N ASN A 146 -9.72 -20.77 -10.77
CA ASN A 146 -9.43 -21.48 -12.02
C ASN A 146 -8.06 -22.16 -12.08
N LEU A 147 -7.35 -22.28 -10.96
CA LEU A 147 -5.97 -22.75 -11.07
C LEU A 147 -5.87 -24.23 -11.48
N THR A 148 -6.95 -25.01 -11.33
CA THR A 148 -6.93 -26.40 -11.78
C THR A 148 -7.33 -26.56 -13.25
N PHE A 149 -7.74 -25.50 -13.94
CA PHE A 149 -8.17 -25.58 -15.32
C PHE A 149 -7.09 -25.00 -16.24
N ASN A 150 -7.09 -25.46 -17.48
CA ASN A 150 -6.21 -24.93 -18.53
C ASN A 150 -4.75 -24.79 -18.08
N PRO A 151 -4.11 -25.91 -17.76
CA PRO A 151 -2.73 -25.91 -17.24
C PRO A 151 -1.80 -25.02 -18.03
N PRO A 152 -1.21 -24.03 -17.38
CA PRO A 152 -0.24 -23.16 -18.05
C PRO A 152 1.14 -23.82 -18.16
N ILE A 153 2.02 -23.11 -18.87
CA ILE A 153 3.40 -23.51 -19.10
C ILE A 153 4.28 -22.51 -18.38
N TYR A 154 5.25 -23.00 -17.61
CA TYR A 154 6.13 -22.16 -16.82
C TYR A 154 7.56 -22.38 -17.30
N GLY A 155 8.19 -21.32 -17.80
CA GLY A 155 9.57 -21.44 -18.24
C GLY A 155 10.55 -21.30 -17.10
N ALA A 156 10.57 -22.27 -16.20
CA ALA A 156 11.27 -22.11 -14.93
C ALA A 156 12.67 -22.70 -14.99
N ASP A 157 13.50 -22.23 -14.05
CA ASP A 157 14.81 -22.81 -13.76
C ASP A 157 15.75 -22.77 -14.97
N VAL A 158 15.75 -21.65 -15.68
CA VAL A 158 16.63 -21.47 -16.82
C VAL A 158 17.94 -20.88 -16.33
N ASN A 159 19.03 -21.63 -16.48
CA ASN A 159 20.34 -21.10 -16.13
C ASN A 159 20.65 -19.91 -17.03
N GLY A 160 21.07 -18.82 -16.42
CA GLY A 160 21.36 -17.62 -17.18
C GLY A 160 21.02 -16.38 -16.40
N THR A 161 21.37 -15.25 -17.00
CA THR A 161 21.17 -13.93 -16.40
C THR A 161 20.81 -12.98 -17.53
N LEU A 162 20.07 -11.94 -17.19
CA LEU A 162 19.78 -10.87 -18.13
C LEU A 162 20.56 -9.61 -17.83
N TYR A 163 21.41 -9.64 -16.80
CA TYR A 163 22.22 -8.47 -16.49
C TYR A 163 23.33 -8.30 -17.53
N GLU A 164 23.94 -7.11 -17.50
CA GLU A 164 25.10 -6.77 -18.31
C GLU A 164 26.35 -6.86 -17.44
N LYS A 165 27.46 -7.26 -18.06
CA LYS A 165 28.68 -7.51 -17.31
C LYS A 165 29.11 -6.31 -16.46
N HIS A 166 28.66 -5.10 -16.81
CA HIS A 166 29.14 -3.92 -16.11
C HIS A 166 28.29 -3.53 -14.90
N VAL A 167 27.11 -4.14 -14.72
CA VAL A 167 26.21 -3.74 -13.64
C VAL A 167 26.77 -4.30 -12.33
N ASP A 168 27.40 -3.43 -11.52
CA ASP A 168 28.00 -3.86 -10.27
C ASP A 168 27.03 -3.86 -9.09
N GLU A 169 25.87 -3.21 -9.20
CA GLU A 169 24.97 -3.06 -8.07
C GLU A 169 23.86 -4.10 -8.12
N TRP A 170 23.66 -4.83 -7.02
CA TRP A 170 22.60 -5.83 -6.91
C TRP A 170 22.63 -6.78 -8.10
N ASN A 171 23.84 -7.16 -8.50
CA ASN A 171 24.01 -8.08 -9.62
C ASN A 171 23.74 -9.49 -9.12
N ILE A 172 22.62 -10.08 -9.54
CA ILE A 172 22.24 -11.38 -9.03
C ILE A 172 23.29 -12.44 -9.33
N GLY A 173 24.13 -12.20 -10.34
CA GLY A 173 25.17 -13.14 -10.66
C GLY A 173 26.36 -13.09 -9.71
N ARG A 174 26.61 -11.93 -9.10
N ARG A 174 26.62 -11.92 -9.10
CA ARG A 174 27.76 -11.72 -8.23
CA ARG A 174 27.78 -11.73 -8.23
C ARG A 174 27.37 -10.82 -7.06
C ARG A 174 27.39 -10.84 -7.05
N LEU A 175 26.58 -11.38 -6.14
CA LEU A 175 26.11 -10.60 -4.99
C LEU A 175 27.22 -10.38 -3.97
N ARG A 176 28.20 -11.27 -3.89
CA ARG A 176 29.34 -11.14 -2.98
C ARG A 176 28.88 -11.19 -1.53
N THR A 177 28.10 -12.21 -1.18
CA THR A 177 27.76 -12.49 0.21
C THR A 177 28.55 -13.72 0.68
N ILE A 178 28.44 -14.00 1.99
CA ILE A 178 29.21 -15.09 2.57
C ILE A 178 28.81 -16.43 1.97
N LEU A 179 27.65 -16.49 1.29
CA LEU A 179 27.29 -17.74 0.63
C LEU A 179 28.38 -18.21 -0.32
N ASP A 180 29.12 -17.27 -0.89
CA ASP A 180 30.17 -17.62 -1.84
C ASP A 180 31.23 -18.52 -1.25
N LEU A 181 31.28 -18.66 0.08
CA LEU A 181 32.22 -19.60 0.66
C LEU A 181 32.03 -21.00 0.09
N VAL A 182 30.81 -21.34 -0.35
CA VAL A 182 30.60 -22.69 -0.89
C VAL A 182 31.42 -22.89 -2.16
N GLU A 183 31.48 -21.87 -3.02
CA GLU A 183 32.24 -21.99 -4.25
C GLU A 183 33.70 -21.65 -4.01
N LYS A 184 33.97 -20.56 -3.28
CA LYS A 184 35.34 -20.06 -3.15
C LYS A 184 36.22 -21.04 -2.36
N GLU A 185 35.72 -21.56 -1.24
CA GLU A 185 36.52 -22.42 -0.37
C GLU A 185 36.22 -23.90 -0.56
N SER A 186 34.95 -24.30 -0.56
CA SER A 186 34.60 -25.70 -0.79
C SER A 186 34.64 -26.07 -2.26
N GLY A 187 34.53 -25.10 -3.16
CA GLY A 187 34.62 -25.36 -4.58
C GLY A 187 33.36 -25.89 -5.23
N ILE A 188 32.21 -25.74 -4.58
CA ILE A 188 30.98 -26.36 -5.04
C ILE A 188 30.10 -25.32 -5.72
N THR A 189 29.43 -25.73 -6.80
CA THR A 189 28.50 -24.88 -7.51
C THR A 189 27.13 -25.57 -7.56
N ILE A 190 26.11 -24.85 -7.12
CA ILE A 190 24.74 -25.37 -7.06
C ILE A 190 23.88 -24.47 -7.93
N GLU A 191 23.41 -24.98 -9.05
CA GLU A 191 22.64 -24.19 -10.03
C GLU A 191 21.41 -23.56 -9.36
N GLY A 192 21.24 -22.26 -9.55
CA GLY A 192 20.13 -21.54 -8.97
C GLY A 192 20.30 -21.12 -7.54
N VAL A 193 21.29 -21.66 -6.83
CA VAL A 193 21.51 -21.34 -5.42
C VAL A 193 22.63 -20.32 -5.30
N ASN A 194 23.83 -20.67 -5.78
CA ASN A 194 24.90 -19.69 -5.95
C ASN A 194 25.13 -19.33 -7.41
N THR A 195 24.15 -19.59 -8.27
CA THR A 195 24.16 -19.08 -9.63
C THR A 195 22.76 -18.61 -9.98
N PRO A 196 22.62 -17.76 -10.99
CA PRO A 196 21.31 -17.18 -11.30
C PRO A 196 20.42 -18.09 -12.12
N TYR A 197 19.11 -17.92 -11.90
CA TYR A 197 18.08 -18.62 -12.64
C TYR A 197 17.13 -17.60 -13.24
N LEU A 198 16.55 -17.94 -14.40
CA LEU A 198 15.53 -17.11 -15.02
C LEU A 198 14.21 -17.86 -15.05
N TYR A 199 13.11 -17.12 -14.88
CA TYR A 199 11.77 -17.65 -14.82
C TYR A 199 10.90 -16.85 -15.77
N PHE A 200 10.43 -17.50 -16.83
CA PHE A 200 9.49 -16.90 -17.77
C PHE A 200 8.09 -17.38 -17.41
N GLY A 201 7.27 -16.45 -16.95
CA GLY A 201 5.94 -16.80 -16.51
C GLY A 201 4.90 -16.38 -17.52
N MET A 202 3.73 -17.01 -17.43
CA MET A 202 2.51 -16.62 -18.13
C MET A 202 1.41 -16.56 -17.08
N TRP A 203 0.20 -16.18 -17.49
CA TRP A 203 -0.89 -16.06 -16.53
C TRP A 203 -1.11 -17.39 -15.82
N LYS A 204 -1.30 -17.33 -14.51
CA LYS A 204 -1.72 -18.45 -13.68
C LYS A 204 -0.59 -19.43 -13.39
N THR A 205 0.63 -19.19 -13.84
CA THR A 205 1.75 -20.02 -13.41
C THR A 205 2.06 -19.70 -11.94
N SER A 206 2.42 -20.73 -11.17
CA SER A 206 2.54 -20.48 -9.75
C SER A 206 3.74 -21.18 -9.15
N PHE A 207 4.12 -20.69 -7.98
CA PHE A 207 5.12 -21.31 -7.14
C PHE A 207 4.47 -21.66 -5.81
N ALA A 208 4.64 -22.91 -5.41
CA ALA A 208 3.99 -23.49 -4.25
C ALA A 208 4.71 -23.05 -2.98
N TRP A 209 4.05 -23.32 -1.85
CA TRP A 209 4.58 -22.91 -0.56
C TRP A 209 5.92 -23.60 -0.29
N HIS A 210 6.93 -22.82 0.09
CA HIS A 210 8.25 -23.37 0.35
C HIS A 210 9.09 -22.33 1.09
N THR A 211 10.11 -22.83 1.79
CA THR A 211 11.28 -22.04 2.12
C THR A 211 12.40 -22.40 1.14
N GLU A 212 13.44 -21.57 1.11
CA GLU A 212 14.55 -21.81 0.20
C GLU A 212 15.33 -23.03 0.65
N ASP A 213 16.10 -23.61 -0.28
CA ASP A 213 17.02 -24.68 0.07
C ASP A 213 17.90 -24.23 1.22
N MET A 214 18.10 -25.14 2.19
CA MET A 214 18.92 -24.85 3.36
C MET A 214 18.42 -23.63 4.13
N ASP A 215 17.15 -23.25 3.90
CA ASP A 215 16.53 -22.08 4.53
C ASP A 215 17.34 -20.80 4.33
N LEU A 216 17.92 -20.67 3.14
CA LEU A 216 18.68 -19.49 2.77
C LEU A 216 17.78 -18.28 2.49
N TYR A 217 18.43 -17.12 2.26
CA TYR A 217 17.75 -15.99 1.67
C TYR A 217 17.56 -16.21 0.16
N SER A 218 16.60 -15.50 -0.42
CA SER A 218 16.56 -15.42 -1.87
C SER A 218 16.31 -13.98 -2.33
N ILE A 219 16.74 -13.70 -3.55
CA ILE A 219 16.53 -12.42 -4.21
C ILE A 219 15.86 -12.70 -5.55
N ASN A 220 14.93 -11.83 -5.93
CA ASN A 220 14.11 -12.02 -7.11
C ASN A 220 13.85 -10.66 -7.75
N TYR A 221 14.21 -10.51 -9.02
CA TYR A 221 14.02 -9.25 -9.72
C TYR A 221 13.09 -9.49 -10.90
N LEU A 222 12.06 -8.66 -11.01
CA LEU A 222 11.15 -8.77 -12.17
C LEU A 222 11.71 -7.89 -13.29
N HIS A 223 12.34 -8.51 -14.30
CA HIS A 223 12.96 -7.74 -15.37
C HIS A 223 11.94 -6.93 -16.15
N PHE A 224 10.87 -7.59 -16.58
CA PHE A 224 9.85 -6.96 -17.41
C PHE A 224 8.59 -7.82 -17.39
N GLY A 225 7.50 -7.22 -17.84
CA GLY A 225 6.28 -7.96 -18.06
C GLY A 225 5.25 -7.71 -16.98
N GLU A 226 4.24 -8.57 -16.96
CA GLU A 226 3.15 -8.46 -16.02
C GLU A 226 3.61 -8.79 -14.60
N PRO A 227 2.83 -8.42 -13.59
CA PRO A 227 3.31 -8.52 -12.21
C PRO A 227 3.35 -9.96 -11.71
N LYS A 228 3.93 -10.10 -10.52
CA LYS A 228 4.01 -11.38 -9.80
C LYS A 228 3.51 -11.15 -8.38
N SER A 229 2.47 -11.87 -7.99
CA SER A 229 1.90 -11.73 -6.65
C SER A 229 2.44 -12.79 -5.70
N TRP A 230 2.63 -12.39 -4.45
CA TRP A 230 3.32 -13.17 -3.44
C TRP A 230 2.49 -13.26 -2.17
N TYR A 231 2.56 -14.42 -1.53
CA TYR A 231 2.06 -14.66 -0.19
C TYR A 231 3.25 -15.05 0.68
N SER A 232 3.22 -14.62 1.95
CA SER A 232 4.30 -14.93 2.87
C SER A 232 3.79 -15.19 4.28
N VAL A 233 4.42 -16.13 4.96
CA VAL A 233 4.13 -16.42 6.36
C VAL A 233 5.35 -16.05 7.18
N PRO A 234 5.19 -15.28 8.27
CA PRO A 234 6.34 -14.87 9.07
C PRO A 234 7.12 -16.07 9.56
N PRO A 235 8.44 -16.02 9.49
CA PRO A 235 9.25 -17.13 10.03
C PRO A 235 8.82 -17.55 11.42
N GLU A 236 8.48 -16.59 12.30
CA GLU A 236 8.07 -16.94 13.65
C GLU A 236 6.80 -17.77 13.69
N HIS A 237 6.08 -17.87 12.58
CA HIS A 237 4.88 -18.72 12.52
C HIS A 237 5.01 -19.84 11.50
N GLY A 238 6.20 -20.05 10.93
CA GLY A 238 6.34 -21.09 9.91
C GLY A 238 5.96 -22.48 10.40
N LYS A 239 6.33 -22.81 11.65
CA LYS A 239 5.97 -24.11 12.19
C LYS A 239 4.47 -24.35 12.10
N ARG A 240 3.68 -23.30 12.35
CA ARG A 240 2.24 -23.45 12.28
C ARG A 240 1.82 -23.87 10.88
N LEU A 241 2.35 -23.20 9.86
CA LEU A 241 2.02 -23.62 8.50
C LEU A 241 2.37 -25.09 8.30
N GLU A 242 3.55 -25.52 8.80
CA GLU A 242 3.97 -26.89 8.58
C GLU A 242 2.95 -27.84 9.22
N ARG A 243 2.53 -27.53 10.45
CA ARG A 243 1.57 -28.42 11.11
C ARG A 243 0.29 -28.49 10.28
N LEU A 244 -0.17 -27.32 9.80
CA LEU A 244 -1.38 -27.32 8.99
C LEU A 244 -1.19 -28.24 7.79
N ALA A 245 -0.06 -28.09 7.08
CA ALA A 245 0.10 -28.87 5.86
C ALA A 245 0.20 -30.34 6.21
N LYS A 246 0.88 -30.66 7.32
CA LYS A 246 1.01 -32.05 7.70
C LYS A 246 -0.33 -32.65 8.06
N GLY A 247 -1.23 -31.82 8.61
CA GLY A 247 -2.56 -32.32 8.92
C GLY A 247 -3.31 -32.68 7.65
N PHE A 248 -3.11 -31.92 6.57
CA PHE A 248 -3.91 -32.15 5.38
C PHE A 248 -3.32 -33.23 4.48
N PHE A 249 -2.00 -33.44 4.52
CA PHE A 249 -1.36 -34.45 3.68
C PHE A 249 -0.55 -35.40 4.56
N PRO A 250 -1.24 -36.21 5.37
CA PRO A 250 -0.51 -37.12 6.27
C PRO A 250 0.38 -38.13 5.56
N GLY A 251 -0.07 -38.67 4.43
CA GLY A 251 0.78 -39.60 3.69
C GLY A 251 2.05 -38.95 3.20
N SER A 252 1.92 -37.74 2.63
CA SER A 252 3.10 -37.00 2.19
C SER A 252 4.04 -36.73 3.35
N ALA A 253 3.48 -36.38 4.52
CA ALA A 253 4.32 -36.13 5.69
C ALA A 253 5.04 -37.40 6.13
N GLN A 254 4.35 -38.54 6.10
CA GLN A 254 4.97 -39.80 6.49
C GLN A 254 6.12 -40.14 5.55
N SER A 255 5.92 -39.90 4.25
CA SER A 255 6.93 -40.29 3.27
C SER A 255 8.15 -39.38 3.29
N CYS A 256 8.01 -38.14 3.77
CA CYS A 256 9.16 -37.24 3.73
C CYS A 256 9.15 -36.30 4.94
N GLU A 257 10.35 -36.04 5.45
CA GLU A 257 10.53 -35.14 6.58
C GLU A 257 10.18 -33.70 6.24
N ALA A 258 10.39 -33.28 5.00
CA ALA A 258 10.14 -31.90 4.59
C ALA A 258 9.46 -31.86 3.22
N PHE A 259 8.25 -32.45 3.13
CA PHE A 259 7.65 -32.62 1.81
C PHE A 259 7.30 -31.30 1.14
N LEU A 260 7.15 -30.22 1.91
CA LEU A 260 6.89 -28.93 1.28
C LEU A 260 8.04 -28.52 0.36
N ARG A 261 9.26 -29.01 0.62
CA ARG A 261 10.39 -28.71 -0.26
C ARG A 261 10.20 -29.29 -1.65
N HIS A 262 9.25 -30.21 -1.83
CA HIS A 262 8.91 -30.69 -3.17
C HIS A 262 8.27 -29.62 -4.02
N LYS A 263 7.82 -28.53 -3.42
CA LYS A 263 7.23 -27.40 -4.13
C LYS A 263 6.02 -27.85 -4.95
N MET A 264 5.17 -28.67 -4.33
CA MET A 264 3.95 -29.14 -4.96
C MET A 264 2.69 -28.76 -4.23
N THR A 265 2.78 -28.12 -3.07
CA THR A 265 1.61 -27.91 -2.23
C THR A 265 1.13 -26.46 -2.30
N LEU A 266 -0.11 -26.28 -2.73
CA LEU A 266 -0.74 -24.97 -2.84
C LEU A 266 -1.87 -24.88 -1.82
N ILE A 267 -1.90 -23.76 -1.08
CA ILE A 267 -2.86 -23.55 -0.01
C ILE A 267 -3.36 -22.11 -0.15
N SER A 268 -4.67 -21.95 -0.26
CA SER A 268 -5.21 -20.63 -0.57
C SER A 268 -5.21 -19.75 0.68
N PRO A 269 -5.26 -18.43 0.48
CA PRO A 269 -5.35 -17.53 1.63
C PRO A 269 -6.59 -17.71 2.49
N LEU A 270 -7.70 -18.19 1.90
CA LEU A 270 -8.90 -18.41 2.70
C LEU A 270 -8.70 -19.56 3.68
N MET A 271 -7.97 -20.60 3.27
CA MET A 271 -7.65 -21.69 4.19
C MET A 271 -6.70 -21.22 5.28
N LEU A 272 -5.70 -20.42 4.93
CA LEU A 272 -4.81 -19.87 5.96
C LEU A 272 -5.59 -19.07 6.98
N LYS A 273 -6.47 -18.18 6.51
CA LYS A 273 -7.25 -17.34 7.42
C LYS A 273 -8.17 -18.20 8.27
N LYS A 274 -8.71 -19.28 7.69
CA LYS A 274 -9.63 -20.15 8.41
C LYS A 274 -8.96 -20.86 9.57
N TYR A 275 -7.70 -21.25 9.41
CA TYR A 275 -6.97 -21.98 10.43
C TYR A 275 -6.05 -21.08 11.23
N GLY A 276 -6.22 -19.76 11.13
CA GLY A 276 -5.47 -18.84 11.94
C GLY A 276 -3.99 -18.80 11.68
N ILE A 277 -3.54 -19.04 10.45
CA ILE A 277 -2.14 -18.88 10.09
C ILE A 277 -1.93 -17.43 9.66
N PRO A 278 -1.08 -16.66 10.36
CA PRO A 278 -0.79 -15.29 9.90
C PRO A 278 -0.11 -15.30 8.54
N PHE A 279 -0.46 -14.32 7.71
CA PHE A 279 0.19 -14.20 6.41
C PHE A 279 -0.03 -12.79 5.88
N ASP A 280 0.75 -12.44 4.87
CA ASP A 280 0.56 -11.17 4.19
C ASP A 280 0.71 -11.43 2.69
N LYS A 281 0.27 -10.46 1.89
CA LYS A 281 0.36 -10.56 0.44
C LYS A 281 0.94 -9.27 -0.10
N VAL A 282 1.56 -9.37 -1.27
CA VAL A 282 2.16 -8.21 -1.93
C VAL A 282 2.30 -8.53 -3.41
N THR A 283 2.18 -7.51 -4.25
CA THR A 283 2.37 -7.68 -5.68
C THR A 283 3.67 -6.97 -6.10
N GLN A 284 4.52 -7.71 -6.81
CA GLN A 284 5.79 -7.24 -7.32
C GLN A 284 5.61 -6.80 -8.77
N GLU A 285 6.01 -5.56 -9.06
CA GLU A 285 5.87 -4.99 -10.39
C GLU A 285 7.22 -5.00 -11.11
N ALA A 286 7.17 -4.87 -12.44
CA ALA A 286 8.40 -4.87 -13.22
C ALA A 286 9.37 -3.83 -12.67
N GLY A 287 10.64 -4.21 -12.59
CA GLY A 287 11.67 -3.34 -12.06
C GLY A 287 11.82 -3.36 -10.56
N GLU A 288 11.16 -4.28 -9.88
CA GLU A 288 11.16 -4.35 -8.42
C GLU A 288 11.81 -5.65 -7.96
N PHE A 289 12.50 -5.54 -6.81
CA PHE A 289 13.12 -6.67 -6.14
C PHE A 289 12.24 -7.17 -5.01
N MET A 290 12.20 -8.49 -4.85
CA MET A 290 11.69 -9.13 -3.65
C MET A 290 12.84 -9.86 -2.98
N ILE A 291 12.88 -9.77 -1.66
CA ILE A 291 13.83 -10.49 -0.82
C ILE A 291 13.03 -11.44 0.06
N THR A 292 13.38 -12.72 0.06
CA THR A 292 12.82 -13.66 1.02
C THR A 292 13.87 -13.94 2.08
N PHE A 293 13.43 -14.15 3.31
CA PHE A 293 14.31 -14.33 4.44
C PHE A 293 14.32 -15.76 4.92
N PRO A 294 15.33 -16.14 5.71
CA PRO A 294 15.45 -17.53 6.14
C PRO A 294 14.22 -18.04 6.87
N TYR A 295 13.74 -19.22 6.44
CA TYR A 295 12.58 -19.88 7.01
C TYR A 295 11.30 -19.09 6.76
N GLY A 296 11.30 -18.21 5.76
CA GLY A 296 10.11 -17.48 5.39
C GLY A 296 9.38 -18.25 4.30
N TYR A 297 8.24 -18.84 4.66
CA TYR A 297 7.44 -19.55 3.67
C TYR A 297 6.78 -18.56 2.73
N HIS A 298 6.82 -18.86 1.43
CA HIS A 298 6.20 -18.00 0.45
C HIS A 298 5.65 -18.85 -0.69
N ALA A 299 4.70 -18.25 -1.42
CA ALA A 299 4.06 -18.88 -2.57
C ALA A 299 3.49 -17.74 -3.41
N GLY A 300 3.04 -18.03 -4.62
CA GLY A 300 2.44 -16.98 -5.41
C GLY A 300 2.14 -17.39 -6.84
N PHE A 301 1.87 -16.37 -7.66
CA PHE A 301 1.48 -16.63 -9.05
C PHE A 301 1.79 -15.42 -9.91
N ASN A 302 1.95 -15.67 -11.21
CA ASN A 302 2.29 -14.64 -12.18
C ASN A 302 1.03 -14.11 -12.86
N HIS A 303 0.99 -12.80 -13.09
CA HIS A 303 -0.19 -12.20 -13.67
C HIS A 303 -0.24 -12.40 -15.18
N GLY A 304 0.91 -12.44 -15.83
CA GLY A 304 0.94 -12.64 -17.25
C GLY A 304 2.35 -12.91 -17.70
N PHE A 305 2.60 -12.65 -18.97
CA PHE A 305 3.92 -12.92 -19.53
C PHE A 305 4.95 -12.03 -18.85
N ASN A 306 5.96 -12.66 -18.25
CA ASN A 306 6.98 -11.87 -17.56
C ASN A 306 8.25 -12.68 -17.46
N CYS A 307 9.29 -12.03 -16.95
CA CYS A 307 10.61 -12.65 -16.80
C CYS A 307 11.23 -12.17 -15.51
N ALA A 308 11.67 -13.10 -14.67
CA ALA A 308 12.26 -12.80 -13.37
C ALA A 308 13.60 -13.53 -13.25
N GLU A 309 14.52 -12.93 -12.52
CA GLU A 309 15.81 -13.54 -12.27
C GLU A 309 16.00 -13.69 -10.77
N SER A 310 16.57 -14.80 -10.35
CA SER A 310 16.61 -15.11 -8.93
C SER A 310 17.83 -15.93 -8.56
N THR A 311 18.25 -15.77 -7.31
CA THR A 311 19.29 -16.63 -6.73
C THR A 311 19.18 -16.59 -5.22
N ASN A 312 19.97 -17.45 -4.57
CA ASN A 312 20.02 -17.44 -3.12
C ASN A 312 21.21 -16.65 -2.62
N PHE A 313 21.16 -16.30 -1.33
CA PHE A 313 22.28 -15.60 -0.71
C PHE A 313 22.16 -15.80 0.80
N ALA A 314 23.15 -15.26 1.52
CA ALA A 314 23.25 -15.47 2.94
C ALA A 314 23.78 -14.23 3.65
N THR A 315 23.59 -14.26 4.97
CA THR A 315 24.18 -13.34 5.92
C THR A 315 24.69 -14.19 7.07
N ARG A 316 25.32 -13.57 8.07
CA ARG A 316 25.79 -14.31 9.22
C ARG A 316 24.63 -14.94 10.00
N ARG A 317 23.49 -14.24 10.06
CA ARG A 317 22.30 -14.77 10.73
C ARG A 317 21.88 -16.11 10.13
N TRP A 318 22.07 -16.29 8.83
CA TRP A 318 21.62 -17.50 8.18
C TRP A 318 22.31 -18.74 8.71
N ILE A 319 23.54 -18.60 9.25
CA ILE A 319 24.34 -19.79 9.52
C ILE A 319 23.57 -20.75 10.42
N GLU A 320 22.99 -20.24 11.52
CA GLU A 320 22.24 -21.10 12.42
C GLU A 320 21.06 -21.75 11.71
N TYR A 321 20.35 -20.99 10.87
CA TYR A 321 19.28 -21.58 10.07
C TYR A 321 19.80 -22.76 9.24
N GLY A 322 20.92 -22.54 8.54
CA GLY A 322 21.47 -23.62 7.74
C GLY A 322 21.76 -24.84 8.58
N LYS A 323 22.23 -24.61 9.82
CA LYS A 323 22.56 -25.72 10.70
C LYS A 323 21.32 -26.51 11.07
N GLN A 324 20.17 -25.85 11.18
CA GLN A 324 18.98 -26.48 11.73
C GLN A 324 17.96 -26.83 10.66
N ALA A 325 18.24 -26.55 9.40
CA ALA A 325 17.27 -26.79 8.34
C ALA A 325 16.90 -28.27 8.30
N VAL A 326 15.60 -28.53 8.17
CA VAL A 326 15.09 -29.88 7.99
C VAL A 326 14.98 -30.16 6.49
N LEU A 327 15.74 -31.13 6.01
CA LEU A 327 15.88 -31.34 4.57
C LEU A 327 15.00 -32.48 4.07
N CYS A 328 14.77 -32.47 2.76
CA CYS A 328 14.03 -33.53 2.10
C CYS A 328 14.79 -34.85 2.21
N SER A 329 14.12 -35.87 2.73
CA SER A 329 14.71 -37.18 2.99
C SER A 329 14.42 -38.20 1.90
N CYS A 330 13.45 -37.96 1.01
CA CYS A 330 12.95 -39.01 0.13
C CYS A 330 13.53 -38.97 -1.27
N ARG A 331 14.28 -37.94 -1.62
N ARG A 331 14.28 -37.94 -1.62
CA ARG A 331 14.82 -37.79 -2.98
CA ARG A 331 14.81 -37.79 -2.97
C ARG A 331 16.34 -37.68 -2.93
C ARG A 331 16.33 -37.68 -2.93
N LYS A 332 16.96 -37.88 -4.09
CA LYS A 332 18.41 -38.05 -4.19
C LYS A 332 19.19 -36.78 -4.51
N ASP A 333 18.81 -36.04 -5.55
CA ASP A 333 19.66 -34.94 -5.99
C ASP A 333 19.37 -33.63 -5.24
N MET A 334 18.98 -33.75 -3.97
CA MET A 334 18.52 -32.57 -3.24
C MET A 334 19.68 -31.71 -2.77
N VAL A 335 19.41 -30.42 -2.60
CA VAL A 335 20.45 -29.46 -2.25
C VAL A 335 20.78 -29.62 -0.77
N LYS A 336 22.01 -30.01 -0.49
CA LYS A 336 22.53 -30.15 0.87
C LYS A 336 23.87 -29.46 0.90
N ILE A 337 23.98 -28.40 1.70
CA ILE A 337 25.21 -27.63 1.84
C ILE A 337 25.89 -28.03 3.14
N SER A 338 27.16 -28.37 3.05
CA SER A 338 27.94 -28.67 4.24
C SER A 338 28.15 -27.39 5.03
N MET A 339 27.62 -27.36 6.26
CA MET A 339 27.75 -26.18 7.11
C MET A 339 29.11 -26.08 7.78
N ASP A 340 29.95 -27.09 7.61
CA ASP A 340 31.24 -27.15 8.30
C ASP A 340 32.06 -25.89 8.08
N VAL A 341 32.21 -25.46 6.83
CA VAL A 341 33.06 -24.29 6.56
C VAL A 341 32.53 -23.06 7.29
N PHE A 342 31.20 -22.92 7.36
CA PHE A 342 30.62 -21.74 8.00
C PHE A 342 30.81 -21.78 9.50
N VAL A 343 30.55 -22.93 10.12
CA VAL A 343 30.73 -23.05 11.57
C VAL A 343 32.19 -22.84 11.94
N ARG A 344 33.10 -23.43 11.15
N ARG A 344 33.10 -23.42 11.14
CA ARG A 344 34.53 -23.26 11.41
CA ARG A 344 34.52 -23.26 11.40
C ARG A 344 34.91 -21.78 11.37
C ARG A 344 34.93 -21.79 11.36
N LYS A 345 34.50 -21.07 10.33
CA LYS A 345 34.96 -19.69 10.16
C LYS A 345 34.24 -18.71 11.09
N PHE A 346 32.91 -18.80 11.19
CA PHE A 346 32.15 -17.78 11.91
C PHE A 346 31.73 -18.19 13.30
N GLN A 347 31.82 -19.47 13.66
CA GLN A 347 31.47 -19.92 15.01
C GLN A 347 32.55 -20.86 15.57
N PRO A 348 33.82 -20.46 15.50
CA PRO A 348 34.88 -21.38 15.95
C PRO A 348 34.66 -21.92 17.35
N GLU A 349 34.15 -21.06 18.26
CA GLU A 349 34.01 -21.43 19.65
C GLU A 349 32.91 -22.45 19.87
N ARG A 350 32.01 -22.63 18.90
CA ARG A 350 30.97 -23.64 18.95
C ARG A 350 31.30 -24.86 18.10
N TYR A 351 32.37 -24.81 17.31
CA TYR A 351 32.57 -25.84 16.29
C TYR A 351 32.64 -27.23 16.91
N LYS A 352 33.54 -27.41 17.88
CA LYS A 352 33.68 -28.70 18.53
C LYS A 352 32.32 -29.19 19.04
N LEU A 353 31.61 -28.33 19.77
CA LEU A 353 30.31 -28.70 20.30
C LEU A 353 29.38 -29.11 19.19
N TRP A 354 29.39 -28.36 18.08
CA TRP A 354 28.46 -28.67 17.00
C TRP A 354 28.79 -30.01 16.39
N LYS A 355 30.09 -30.33 16.26
CA LYS A 355 30.45 -31.60 15.64
C LYS A 355 29.99 -32.77 16.51
N ALA A 356 29.94 -32.56 17.83
CA ALA A 356 29.48 -33.58 18.75
C ALA A 356 27.97 -33.75 18.75
N GLY A 357 27.24 -32.89 18.06
CA GLY A 357 25.79 -32.95 18.07
C GLY A 357 25.15 -32.35 19.30
N LYS A 358 25.89 -31.54 20.06
CA LYS A 358 25.39 -31.00 21.31
C LYS A 358 25.18 -29.48 21.26
N ASP A 359 25.16 -28.89 20.07
CA ASP A 359 24.89 -27.45 19.96
C ASP A 359 23.39 -27.23 19.98
N ASN A 360 22.87 -26.75 21.12
CA ASN A 360 21.44 -26.63 21.34
C ASN A 360 20.93 -25.19 21.19
N THR A 361 21.58 -24.41 20.35
CA THR A 361 21.15 -23.04 20.09
C THR A 361 19.70 -23.02 19.62
N VAL A 362 18.90 -22.14 20.22
CA VAL A 362 17.51 -21.93 19.82
C VAL A 362 17.44 -20.64 19.01
N ILE A 363 16.85 -20.71 17.83
CA ILE A 363 16.80 -19.54 16.95
C ILE A 363 15.66 -18.62 17.39
N ASP A 364 15.96 -17.31 17.41
CA ASP A 364 14.97 -16.26 17.64
C ASP A 364 14.77 -15.52 16.33
N HIS A 365 13.63 -15.75 15.68
CA HIS A 365 13.35 -15.22 14.36
C HIS A 365 13.15 -13.71 14.34
N THR A 366 13.01 -13.07 15.50
CA THR A 366 12.85 -11.62 15.53
C THR A 366 14.18 -10.90 15.45
N LEU A 367 15.29 -11.56 15.77
CA LEU A 367 16.56 -10.88 15.87
C LEU A 367 17.13 -10.55 14.49
N PRO A 368 17.63 -9.33 14.29
CA PRO A 368 18.33 -8.99 13.04
C PRO A 368 19.71 -9.62 12.98
N THR A 369 20.25 -9.68 11.77
CA THR A 369 21.58 -10.23 11.62
C THR A 369 22.60 -9.33 12.32
N PRO A 370 23.71 -9.90 12.80
CA PRO A 370 24.68 -9.08 13.55
C PRO A 370 25.15 -7.84 12.79
N GLU A 371 25.31 -7.94 11.47
CA GLU A 371 25.78 -6.82 10.67
C GLU A 371 24.91 -5.58 10.81
N ALA A 372 23.70 -5.73 11.37
CA ALA A 372 22.78 -4.61 11.53
C ALA A 372 23.05 -3.79 12.77
N ALA A 373 23.96 -4.24 13.65
CA ALA A 373 24.26 -3.48 14.86
C ALA A 373 24.68 -2.06 14.54
N GLU A 374 25.34 -1.87 13.41
CA GLU A 374 25.69 -0.55 12.89
C GLU A 374 24.56 0.43 13.05
N PHE A 375 23.34 0.00 12.73
CA PHE A 375 22.19 0.89 12.70
C PHE A 375 21.38 0.89 13.99
N LEU A 376 21.69 0.00 14.94
CA LEU A 376 20.92 -0.08 16.16
C LEU A 376 21.73 0.38 17.37
N SER B 25 -13.49 -1.39 -19.44
CA SER B 25 -13.82 -0.34 -18.49
C SER B 25 -13.30 1.01 -18.96
N GLU B 26 -14.20 1.84 -19.49
CA GLU B 26 -13.82 3.19 -19.90
C GLU B 26 -13.33 4.01 -18.71
N SER B 27 -13.88 3.75 -17.53
CA SER B 27 -13.47 4.48 -16.33
C SER B 27 -12.10 4.06 -15.86
N GLU B 28 -11.80 2.76 -15.92
CA GLU B 28 -10.47 2.28 -15.54
C GLU B 28 -9.37 2.98 -16.35
N THR B 29 -9.66 3.29 -17.62
CA THR B 29 -8.67 3.91 -18.49
C THR B 29 -8.42 5.38 -18.18
N LEU B 30 -9.34 6.06 -17.51
CA LEU B 30 -9.18 7.47 -17.18
C LEU B 30 -8.50 7.66 -15.82
N ASN B 31 -7.54 8.58 -15.77
CA ASN B 31 -6.67 8.80 -14.61
C ASN B 31 -6.24 7.44 -14.04
N PRO B 32 -5.60 6.60 -14.85
CA PRO B 32 -5.18 5.27 -14.38
C PRO B 32 -4.21 5.33 -13.21
N SER B 33 -3.42 6.39 -13.10
CA SER B 33 -2.49 6.55 -12.01
C SER B 33 -3.18 6.95 -10.71
N ALA B 34 -4.43 7.41 -10.80
CA ALA B 34 -5.16 7.92 -9.64
C ALA B 34 -4.40 9.08 -9.00
N ARG B 35 -3.83 9.93 -9.86
CA ARG B 35 -3.03 11.08 -9.45
C ARG B 35 -3.91 12.28 -9.23
N ILE B 36 -3.47 13.18 -8.32
CA ILE B 36 -4.25 14.37 -8.05
C ILE B 36 -4.22 15.29 -9.25
N MET B 37 -5.39 15.68 -9.72
CA MET B 37 -5.52 16.51 -10.92
C MET B 37 -5.83 17.95 -10.53
N THR B 38 -5.46 18.85 -11.42
CA THR B 38 -5.64 20.29 -11.24
C THR B 38 -6.38 20.83 -12.45
N PHE B 39 -7.38 21.67 -12.20
CA PHE B 39 -8.25 22.19 -13.24
C PHE B 39 -8.25 23.71 -13.21
N TYR B 40 -8.26 24.30 -14.40
CA TYR B 40 -8.29 25.75 -14.58
C TYR B 40 -9.52 26.10 -15.40
N PRO B 41 -10.68 26.23 -14.76
CA PRO B 41 -11.91 26.52 -15.52
C PRO B 41 -11.94 27.96 -16.03
N THR B 42 -12.75 28.14 -17.07
CA THR B 42 -13.12 29.47 -17.53
C THR B 42 -14.24 30.02 -16.66
N MET B 43 -14.52 31.32 -16.82
CA MET B 43 -15.63 31.91 -16.09
C MET B 43 -16.95 31.24 -16.47
N GLU B 44 -17.07 30.76 -17.70
CA GLU B 44 -18.29 30.10 -18.15
C GLU B 44 -18.40 28.69 -17.60
N GLU B 45 -17.29 27.94 -17.61
CA GLU B 45 -17.28 26.60 -17.03
C GLU B 45 -17.54 26.65 -15.53
N PHE B 46 -17.08 27.72 -14.87
CA PHE B 46 -17.11 27.83 -13.42
C PHE B 46 -18.52 28.01 -12.88
N ARG B 47 -19.42 28.58 -13.70
CA ARG B 47 -20.69 29.08 -13.17
C ARG B 47 -21.51 27.99 -12.51
N ASN B 48 -21.59 26.81 -13.12
CA ASN B 48 -22.44 25.73 -12.60
C ASN B 48 -21.58 24.76 -11.80
N PHE B 49 -21.72 24.80 -10.48
CA PHE B 49 -20.87 24.00 -9.61
C PHE B 49 -21.04 22.50 -9.86
N SER B 50 -22.28 22.02 -9.78
CA SER B 50 -22.52 20.58 -9.92
C SER B 50 -22.08 20.08 -11.29
N ARG B 51 -22.30 20.90 -12.33
CA ARG B 51 -21.86 20.52 -13.66
C ARG B 51 -20.35 20.35 -13.72
N TYR B 52 -19.60 21.28 -13.13
CA TYR B 52 -18.15 21.15 -13.17
C TYR B 52 -17.66 19.97 -12.34
N ILE B 53 -18.34 19.64 -11.24
CA ILE B 53 -17.92 18.43 -10.52
C ILE B 53 -18.13 17.20 -11.40
N ALA B 54 -19.28 17.15 -12.09
CA ALA B 54 -19.48 16.05 -13.04
C ALA B 54 -18.37 16.02 -14.06
N TYR B 55 -17.92 17.19 -14.52
CA TYR B 55 -16.89 17.25 -15.54
C TYR B 55 -15.56 16.70 -15.02
N ILE B 56 -15.12 17.15 -13.84
CA ILE B 56 -13.82 16.67 -13.37
C ILE B 56 -13.90 15.17 -13.09
N GLU B 57 -15.09 14.65 -12.74
CA GLU B 57 -15.22 13.20 -12.62
C GLU B 57 -15.18 12.51 -13.98
N SER B 58 -15.68 13.14 -15.04
CA SER B 58 -15.58 12.52 -16.36
C SER B 58 -14.12 12.37 -16.77
N GLN B 59 -13.27 13.27 -16.28
CA GLN B 59 -11.83 13.25 -16.47
C GLN B 59 -11.11 12.36 -15.46
N GLY B 60 -11.83 11.71 -14.54
CA GLY B 60 -11.21 10.76 -13.63
C GLY B 60 -10.61 11.35 -12.37
N ALA B 61 -10.81 12.64 -12.10
CA ALA B 61 -10.20 13.27 -10.94
C ALA B 61 -10.53 12.51 -9.66
N HIS B 62 -11.75 11.98 -9.55
CA HIS B 62 -12.20 11.40 -8.31
C HIS B 62 -11.35 10.22 -7.88
N ARG B 63 -10.65 9.56 -8.81
CA ARG B 63 -9.84 8.40 -8.42
C ARG B 63 -8.73 8.81 -7.46
N ALA B 64 -8.29 10.07 -7.52
CA ALA B 64 -7.24 10.50 -6.59
C ALA B 64 -7.78 10.65 -5.18
N GLY B 65 -9.09 10.87 -5.04
CA GLY B 65 -9.68 11.23 -3.77
C GLY B 65 -9.64 12.70 -3.47
N LEU B 66 -8.85 13.46 -4.22
CA LEU B 66 -8.62 14.87 -3.99
C LEU B 66 -8.27 15.53 -5.31
N ALA B 67 -8.83 16.72 -5.55
CA ALA B 67 -8.54 17.46 -6.77
C ALA B 67 -8.45 18.94 -6.41
N LYS B 68 -7.72 19.69 -7.23
CA LYS B 68 -7.61 21.13 -7.06
C LYS B 68 -8.32 21.82 -8.21
N VAL B 69 -8.97 22.94 -7.90
CA VAL B 69 -9.62 23.77 -8.91
C VAL B 69 -9.19 25.22 -8.66
N VAL B 70 -8.55 25.83 -9.65
CA VAL B 70 -8.14 27.22 -9.55
C VAL B 70 -9.20 28.06 -10.24
N PRO B 71 -9.84 28.99 -9.54
CA PRO B 71 -10.89 29.80 -10.18
C PRO B 71 -10.30 30.84 -11.10
N PRO B 72 -11.06 31.28 -12.11
CA PRO B 72 -10.54 32.35 -12.98
C PRO B 72 -10.17 33.59 -12.19
N LYS B 73 -9.06 34.23 -12.57
CA LYS B 73 -8.57 35.39 -11.84
C LYS B 73 -9.62 36.48 -11.77
N GLU B 74 -10.55 36.50 -12.74
CA GLU B 74 -11.67 37.43 -12.65
C GLU B 74 -12.44 37.23 -11.36
N TRP B 75 -12.61 35.97 -10.93
CA TRP B 75 -13.47 35.66 -9.81
C TRP B 75 -12.83 36.05 -8.47
N LYS B 76 -13.66 36.63 -7.58
CA LYS B 76 -13.27 37.00 -6.22
C LYS B 76 -14.50 36.94 -5.33
N PRO B 77 -14.41 36.30 -4.16
CA PRO B 77 -15.59 36.14 -3.30
C PRO B 77 -15.84 37.20 -2.23
N ARG B 78 -14.84 38.01 -1.91
CA ARG B 78 -15.01 39.06 -0.93
C ARG B 78 -14.10 40.21 -1.31
N ALA B 79 -14.62 41.43 -1.20
CA ALA B 79 -13.84 42.60 -1.57
C ALA B 79 -12.64 42.75 -0.64
N SER B 80 -12.86 42.65 0.67
CA SER B 80 -11.76 42.86 1.60
C SER B 80 -11.96 42.05 2.88
N TYR B 81 -10.84 41.61 3.45
CA TYR B 81 -10.79 40.93 4.73
C TYR B 81 -10.37 41.86 5.85
N ASP B 82 -10.36 43.17 5.61
CA ASP B 82 -9.90 44.13 6.59
C ASP B 82 -10.81 44.20 7.80
N ASP B 83 -12.01 43.63 7.74
CA ASP B 83 -12.95 43.66 8.84
C ASP B 83 -12.86 42.46 9.77
N ILE B 84 -12.05 41.45 9.43
CA ILE B 84 -12.16 40.17 10.12
C ILE B 84 -11.60 40.17 11.54
N ASP B 85 -10.74 41.15 11.89
CA ASP B 85 -9.98 41.04 13.14
C ASP B 85 -10.90 40.88 14.36
N ASP B 86 -12.11 41.39 14.29
CA ASP B 86 -13.01 41.41 15.43
C ASP B 86 -13.91 40.18 15.49
N LEU B 87 -13.77 39.27 14.53
CA LEU B 87 -14.54 38.03 14.51
C LEU B 87 -14.08 37.09 15.63
N VAL B 88 -15.04 36.45 16.28
CA VAL B 88 -14.74 35.65 17.46
C VAL B 88 -14.62 34.18 17.07
N ILE B 89 -13.79 33.47 17.83
CA ILE B 89 -13.58 32.03 17.69
C ILE B 89 -14.04 31.38 18.99
N PRO B 90 -15.25 30.81 19.00
CA PRO B 90 -15.81 30.33 20.27
C PRO B 90 -14.98 29.26 20.95
N ALA B 91 -14.30 28.41 20.20
CA ALA B 91 -13.61 27.25 20.78
C ALA B 91 -12.30 27.02 20.05
N PRO B 92 -11.28 27.82 20.33
CA PRO B 92 -9.95 27.55 19.78
C PRO B 92 -9.41 26.26 20.37
N ILE B 93 -8.55 25.58 19.60
CA ILE B 93 -8.12 24.23 19.92
C ILE B 93 -6.59 24.17 19.92
N GLN B 94 -6.01 23.79 21.06
CA GLN B 94 -4.58 23.52 21.16
C GLN B 94 -4.30 22.06 20.82
N GLN B 95 -3.39 21.83 19.86
CA GLN B 95 -3.18 20.51 19.28
C GLN B 95 -1.95 19.85 19.87
N LEU B 96 -2.15 18.96 20.85
CA LEU B 96 -1.07 18.22 21.48
C LEU B 96 -0.89 16.90 20.74
N VAL B 97 0.26 16.70 20.14
CA VAL B 97 0.53 15.49 19.37
C VAL B 97 1.51 14.62 20.13
N THR B 98 1.20 13.31 20.20
CA THR B 98 2.06 12.33 20.86
C THR B 98 2.38 11.21 19.88
N GLY B 99 3.64 10.80 19.82
CA GLY B 99 4.00 9.65 19.02
C GLY B 99 5.43 9.71 18.52
N GLN B 100 5.73 8.78 17.61
CA GLN B 100 7.10 8.64 17.11
C GLN B 100 7.03 7.78 15.86
N SER B 101 8.15 7.73 15.14
CA SER B 101 8.31 6.77 14.06
C SER B 101 7.21 6.91 13.01
N GLY B 102 6.76 8.14 12.78
CA GLY B 102 5.75 8.39 11.78
C GLY B 102 4.31 8.07 12.17
N LEU B 103 4.07 7.67 13.41
CA LEU B 103 2.73 7.36 13.89
C LEU B 103 2.42 8.25 15.09
N PHE B 104 1.33 9.02 15.00
CA PHE B 104 1.01 9.97 16.05
C PHE B 104 -0.48 9.98 16.32
N THR B 105 -0.82 10.40 17.54
CA THR B 105 -2.19 10.65 17.95
C THR B 105 -2.30 12.09 18.42
N GLN B 106 -3.34 12.78 17.95
CA GLN B 106 -3.53 14.20 18.24
C GLN B 106 -4.66 14.37 19.23
N TYR B 107 -4.39 15.11 20.30
CA TYR B 107 -5.37 15.43 21.34
C TYR B 107 -5.68 16.91 21.26
N ASN B 108 -6.96 17.25 21.36
CA ASN B 108 -7.40 18.64 21.26
C ASN B 108 -7.74 19.17 22.65
N ILE B 109 -7.12 20.29 23.01
CA ILE B 109 -7.36 20.97 24.28
C ILE B 109 -8.14 22.23 23.96
N GLN B 110 -9.39 22.28 24.42
CA GLN B 110 -10.24 23.42 24.12
C GLN B 110 -9.81 24.62 24.96
N LYS B 111 -9.41 25.69 24.28
CA LYS B 111 -8.99 26.94 24.90
C LYS B 111 -10.15 27.92 24.99
N LYS B 112 -9.93 28.99 25.75
CA LYS B 112 -10.97 30.01 25.94
C LYS B 112 -11.19 30.80 24.65
N ALA B 113 -12.42 31.24 24.45
CA ALA B 113 -12.79 31.96 23.24
C ALA B 113 -11.85 33.14 23.02
N MET B 114 -11.48 33.35 21.76
CA MET B 114 -10.61 34.47 21.42
C MET B 114 -11.02 35.06 20.08
N THR B 115 -10.66 36.33 19.89
CA THR B 115 -10.91 37.04 18.65
C THR B 115 -9.82 36.72 17.64
N VAL B 116 -10.09 37.03 16.37
CA VAL B 116 -9.10 36.82 15.33
C VAL B 116 -7.84 37.62 15.64
N ARG B 117 -8.01 38.80 16.25
CA ARG B 117 -6.88 39.62 16.65
C ARG B 117 -5.93 38.84 17.56
N GLU B 118 -6.46 38.29 18.67
CA GLU B 118 -5.62 37.50 19.56
C GLU B 118 -5.00 36.32 18.82
N PHE B 119 -5.79 35.63 17.99
CA PHE B 119 -5.28 34.46 17.29
C PHE B 119 -4.12 34.81 16.38
N ARG B 120 -4.31 35.83 15.53
CA ARG B 120 -3.27 36.25 14.60
C ARG B 120 -2.04 36.74 15.33
N LYS B 121 -2.23 37.45 16.44
CA LYS B 121 -1.08 37.87 17.26
C LYS B 121 -0.28 36.64 17.68
N ILE B 122 -0.96 35.64 18.24
CA ILE B 122 -0.28 34.43 18.69
C ILE B 122 0.37 33.70 17.52
N ALA B 123 -0.32 33.65 16.37
CA ALA B 123 0.20 32.90 15.23
C ALA B 123 1.50 33.52 14.73
N ASN B 124 1.63 34.83 14.81
CA ASN B 124 2.77 35.50 14.22
C ASN B 124 3.96 35.64 15.16
N SER B 125 3.78 35.37 16.45
CA SER B 125 4.87 35.55 17.41
C SER B 125 6.05 34.63 17.07
N ASP B 126 7.20 34.95 17.67
CA ASP B 126 8.41 34.15 17.45
C ASP B 126 8.15 32.68 17.72
N LYS B 127 7.33 32.39 18.74
CA LYS B 127 7.15 31.04 19.21
C LYS B 127 6.45 30.17 18.18
N TYR B 128 5.43 30.71 17.51
CA TYR B 128 4.56 29.89 16.67
C TYR B 128 4.73 30.12 15.18
N CYS B 129 5.65 30.98 14.74
CA CYS B 129 5.66 31.37 13.34
C CYS B 129 6.40 30.33 12.48
N THR B 130 6.33 30.57 11.17
CA THR B 130 6.81 29.60 10.20
C THR B 130 8.34 29.58 10.16
N PRO B 131 8.94 28.40 10.05
CA PRO B 131 10.39 28.31 9.84
C PRO B 131 10.81 28.71 8.43
N ARG B 132 12.11 29.01 8.30
CA ARG B 132 12.71 29.34 7.02
C ARG B 132 13.06 28.07 6.25
N TYR B 133 12.84 28.10 4.95
CA TYR B 133 13.09 26.92 4.13
C TYR B 133 13.23 27.33 2.67
N SER B 134 13.76 26.41 1.87
CA SER B 134 13.89 26.60 0.43
C SER B 134 12.72 25.93 -0.27
N GLU B 135 12.91 24.70 -0.75
CA GLU B 135 11.83 23.96 -1.39
C GLU B 135 10.85 23.42 -0.34
N PHE B 136 9.67 23.02 -0.82
CA PHE B 136 8.61 22.57 0.08
C PHE B 136 9.02 21.30 0.83
N GLU B 137 9.82 20.42 0.22
CA GLU B 137 10.23 19.20 0.90
C GLU B 137 10.89 19.50 2.23
N GLU B 138 11.58 20.65 2.33
CA GLU B 138 12.22 21.03 3.59
C GLU B 138 11.19 21.37 4.66
N LEU B 139 10.16 22.14 4.29
CA LEU B 139 9.10 22.47 5.24
C LEU B 139 8.33 21.21 5.64
N GLU B 140 8.13 20.29 4.69
CA GLU B 140 7.46 19.03 5.02
C GLU B 140 8.26 18.23 6.05
N ARG B 141 9.58 18.11 5.81
CA ARG B 141 10.43 17.43 6.78
C ARG B 141 10.34 18.09 8.15
N LYS B 142 10.38 19.43 8.18
CA LYS B 142 10.32 20.13 9.47
C LYS B 142 9.00 19.87 10.17
N TYR B 143 7.90 19.79 9.41
CA TYR B 143 6.61 19.49 10.01
C TYR B 143 6.63 18.12 10.68
N TRP B 144 7.12 17.10 9.96
CA TRP B 144 7.13 15.74 10.53
C TRP B 144 8.20 15.56 11.60
N LYS B 145 9.20 16.43 11.64
CA LYS B 145 10.19 16.41 12.69
C LYS B 145 9.68 17.05 13.97
N ASN B 146 8.86 18.11 13.86
CA ASN B 146 8.56 18.91 15.04
C ASN B 146 7.09 18.93 15.46
N LEU B 147 6.24 18.04 14.95
CA LEU B 147 4.82 18.21 15.22
C LEU B 147 4.45 17.85 16.66
N THR B 148 5.28 17.09 17.37
CA THR B 148 5.00 16.83 18.78
C THR B 148 5.43 17.98 19.69
N PHE B 149 6.22 18.92 19.19
CA PHE B 149 6.76 19.99 20.02
C PHE B 149 5.97 21.28 19.82
N ASN B 150 5.92 22.08 20.89
CA ASN B 150 5.35 23.42 20.84
C ASN B 150 3.95 23.41 20.27
N PRO B 151 2.99 22.80 20.96
CA PRO B 151 1.65 22.59 20.37
C PRO B 151 1.00 23.90 19.98
N PRO B 152 0.61 24.02 18.72
CA PRO B 152 -0.04 25.23 18.23
C PRO B 152 -1.54 25.27 18.53
N ILE B 153 -2.17 26.35 18.11
CA ILE B 153 -3.60 26.57 18.27
C ILE B 153 -4.25 26.62 16.91
N TYR B 154 -5.39 25.94 16.75
CA TYR B 154 -6.13 25.88 15.50
C TYR B 154 -7.48 26.54 15.75
N GLY B 155 -7.81 27.57 14.95
CA GLY B 155 -9.09 28.22 15.05
C GLY B 155 -10.09 27.52 14.14
N ALA B 156 -10.55 26.35 14.57
CA ALA B 156 -11.28 25.45 13.70
C ALA B 156 -12.75 25.37 14.08
N ASP B 157 -13.55 24.93 13.12
CA ASP B 157 -14.97 24.66 13.31
C ASP B 157 -15.75 25.92 13.70
N VAL B 158 -15.42 27.03 13.05
CA VAL B 158 -16.08 28.30 13.34
C VAL B 158 -17.27 28.45 12.41
N ASN B 159 -18.47 28.47 12.98
CA ASN B 159 -19.68 28.63 12.20
C ASN B 159 -19.66 29.99 11.50
N GLY B 160 -19.60 29.98 10.18
CA GLY B 160 -19.68 31.24 9.47
C GLY B 160 -19.23 31.07 8.03
N THR B 161 -19.38 32.17 7.28
CA THR B 161 -18.94 32.27 5.91
C THR B 161 -18.29 33.62 5.69
N LEU B 162 -17.39 33.67 4.70
CA LEU B 162 -16.76 34.91 4.28
C LEU B 162 -17.19 35.32 2.89
N TYR B 163 -18.22 34.67 2.34
CA TYR B 163 -18.68 34.99 1.00
C TYR B 163 -19.61 36.20 1.05
N GLU B 164 -19.51 37.05 0.04
CA GLU B 164 -20.49 38.12 -0.14
C GLU B 164 -21.78 37.50 -0.69
N LYS B 165 -22.92 38.06 -0.25
CA LYS B 165 -24.20 37.42 -0.50
C LYS B 165 -24.57 37.37 -1.99
N HIS B 166 -23.91 38.15 -2.83
CA HIS B 166 -24.23 38.19 -4.25
C HIS B 166 -23.41 37.22 -5.09
N VAL B 167 -22.40 36.58 -4.50
CA VAL B 167 -21.56 35.64 -5.23
C VAL B 167 -22.38 34.38 -5.53
N ASP B 168 -22.62 34.13 -6.82
CA ASP B 168 -23.44 32.99 -7.23
C ASP B 168 -22.61 31.80 -7.71
N GLU B 169 -21.30 31.96 -7.85
CA GLU B 169 -20.44 30.88 -8.33
C GLU B 169 -19.72 30.26 -7.14
N TRP B 170 -19.90 28.95 -6.96
CA TRP B 170 -19.17 28.19 -5.94
C TRP B 170 -19.29 28.82 -4.56
N ASN B 171 -20.52 29.21 -4.20
CA ASN B 171 -20.75 29.83 -2.90
C ASN B 171 -20.96 28.71 -1.87
N ILE B 172 -19.98 28.55 -0.97
CA ILE B 172 -20.01 27.47 0.02
C ILE B 172 -21.26 27.55 0.89
N GLY B 173 -21.91 28.71 0.95
CA GLY B 173 -23.15 28.81 1.69
C GLY B 173 -24.34 28.22 0.96
N ARG B 174 -24.32 28.21 -0.37
CA ARG B 174 -25.46 27.73 -1.15
C ARG B 174 -24.95 27.08 -2.44
N LEU B 175 -24.40 25.86 -2.30
CA LEU B 175 -23.91 25.11 -3.44
C LEU B 175 -25.03 24.50 -4.26
N ARG B 176 -26.17 24.20 -3.64
CA ARG B 176 -27.33 23.67 -4.36
C ARG B 176 -27.03 22.31 -4.99
N THR B 177 -26.48 21.39 -4.19
CA THR B 177 -26.39 19.98 -4.58
C THR B 177 -27.54 19.21 -3.92
N ILE B 178 -27.64 17.91 -4.25
CA ILE B 178 -28.73 17.12 -3.66
C ILE B 178 -28.60 16.92 -2.16
N LEU B 179 -27.45 17.26 -1.56
CA LEU B 179 -27.35 17.23 -0.11
C LEU B 179 -28.40 18.13 0.54
N ASP B 180 -28.87 19.15 -0.19
CA ASP B 180 -29.93 20.02 0.31
C ASP B 180 -31.17 19.23 0.69
N LEU B 181 -31.34 18.02 0.13
CA LEU B 181 -32.52 17.24 0.47
C LEU B 181 -32.60 16.98 1.97
N VAL B 182 -31.46 16.99 2.66
CA VAL B 182 -31.52 16.74 4.10
C VAL B 182 -32.30 17.85 4.79
N GLU B 183 -31.93 19.11 4.56
CA GLU B 183 -32.62 20.17 5.26
C GLU B 183 -34.03 20.32 4.68
N LYS B 184 -34.15 20.20 3.36
CA LYS B 184 -35.44 20.38 2.70
C LYS B 184 -36.48 19.40 3.23
N GLU B 185 -36.14 18.11 3.31
CA GLU B 185 -37.12 17.12 3.71
C GLU B 185 -37.31 17.06 5.22
N SER B 186 -36.25 17.29 5.99
CA SER B 186 -36.30 17.04 7.42
C SER B 186 -36.13 18.28 8.27
N GLY B 187 -35.66 19.39 7.71
CA GLY B 187 -35.32 20.56 8.49
C GLY B 187 -34.03 20.46 9.26
N ILE B 188 -33.32 19.35 9.15
CA ILE B 188 -32.14 19.13 9.98
C ILE B 188 -30.94 19.87 9.42
N THR B 189 -30.28 20.62 10.28
CA THR B 189 -29.06 21.36 9.98
C THR B 189 -27.93 20.69 10.76
N ILE B 190 -26.82 20.42 10.06
CA ILE B 190 -25.66 19.76 10.66
C ILE B 190 -24.47 20.67 10.41
N GLU B 191 -23.99 21.33 11.46
CA GLU B 191 -23.00 22.38 11.30
C GLU B 191 -21.72 21.85 10.68
N GLY B 192 -21.25 22.54 9.64
CA GLY B 192 -20.09 22.16 8.92
C GLY B 192 -20.33 21.20 7.78
N VAL B 193 -21.47 20.50 7.78
CA VAL B 193 -21.79 19.51 6.77
C VAL B 193 -22.71 20.10 5.71
N ASN B 194 -23.89 20.57 6.12
CA ASN B 194 -24.72 21.35 5.22
C ASN B 194 -24.80 22.82 5.65
N THR B 195 -23.79 23.29 6.37
CA THR B 195 -23.56 24.69 6.67
C THR B 195 -22.06 24.92 6.65
N PRO B 196 -21.62 26.17 6.49
CA PRO B 196 -20.19 26.44 6.32
C PRO B 196 -19.40 26.57 7.61
N TYR B 197 -18.15 26.14 7.53
CA TYR B 197 -17.21 26.27 8.64
C TYR B 197 -16.02 27.12 8.19
N LEU B 198 -15.47 27.88 9.12
CA LEU B 198 -14.26 28.64 8.92
C LEU B 198 -13.16 28.02 9.78
N TYR B 199 -11.94 28.01 9.24
CA TYR B 199 -10.78 27.42 9.90
C TYR B 199 -9.65 28.44 9.89
N PHE B 200 -9.24 28.88 11.07
CA PHE B 200 -8.12 29.81 11.21
C PHE B 200 -6.91 29.02 11.67
N GLY B 201 -5.90 28.94 10.80
CA GLY B 201 -4.72 28.14 11.11
C GLY B 201 -3.47 28.94 11.34
N MET B 202 -2.51 28.33 12.03
CA MET B 202 -1.14 28.82 12.22
C MET B 202 -0.20 27.68 11.84
N TRP B 203 1.11 27.95 11.84
CA TRP B 203 2.08 26.96 11.40
C TRP B 203 1.90 25.68 12.20
N LYS B 204 2.01 24.54 11.52
CA LYS B 204 2.04 23.24 12.15
C LYS B 204 0.67 22.77 12.66
N THR B 205 -0.39 23.55 12.48
CA THR B 205 -1.72 23.02 12.74
C THR B 205 -2.03 21.97 11.68
N SER B 206 -2.74 20.92 12.05
CA SER B 206 -2.93 19.84 11.10
C SER B 206 -4.32 19.25 11.21
N PHE B 207 -4.69 18.50 10.18
CA PHE B 207 -5.92 17.71 10.16
C PHE B 207 -5.52 16.26 9.90
N ALA B 208 -5.97 15.37 10.78
CA ALA B 208 -5.61 13.96 10.76
C ALA B 208 -6.30 13.25 9.59
N TRP B 209 -5.88 12.01 9.38
CA TRP B 209 -6.42 11.20 8.30
C TRP B 209 -7.90 10.92 8.53
N HIS B 210 -8.73 11.19 7.53
CA HIS B 210 -10.15 10.93 7.64
C HIS B 210 -10.79 10.99 6.26
N THR B 211 -11.96 10.36 6.16
CA THR B 211 -12.94 10.71 5.14
C THR B 211 -14.04 11.57 5.77
N GLU B 212 -14.85 12.19 4.93
CA GLU B 212 -15.88 13.07 5.44
C GLU B 212 -16.98 12.28 6.13
N ASP B 213 -17.78 12.99 6.93
CA ASP B 213 -18.97 12.40 7.51
C ASP B 213 -19.84 11.79 6.43
N MET B 214 -20.35 10.60 6.69
CA MET B 214 -21.17 9.82 5.76
C MET B 214 -20.46 9.59 4.43
N ASP B 215 -19.13 9.73 4.41
CA ASP B 215 -18.31 9.61 3.20
C ASP B 215 -18.80 10.55 2.10
N LEU B 216 -19.14 11.77 2.48
CA LEU B 216 -19.57 12.81 1.54
C LEU B 216 -18.38 13.42 0.79
N TYR B 217 -18.72 14.27 -0.19
CA TYR B 217 -17.70 15.12 -0.77
C TYR B 217 -17.45 16.30 0.17
N SER B 218 -16.30 16.95 0.01
CA SER B 218 -16.13 18.24 0.67
C SER B 218 -15.49 19.22 -0.29
N ILE B 219 -15.72 20.50 -0.02
CA ILE B 219 -15.13 21.61 -0.75
C ILE B 219 -14.44 22.50 0.28
N ASN B 220 -13.24 22.96 -0.08
CA ASN B 220 -12.37 23.74 0.80
C ASN B 220 -11.80 24.90 0.01
N TYR B 221 -12.05 26.12 0.48
CA TYR B 221 -11.58 27.30 -0.21
C TYR B 221 -10.62 28.06 0.70
N LEU B 222 -9.42 28.34 0.21
CA LEU B 222 -8.45 29.08 1.02
C LEU B 222 -8.61 30.57 0.73
N HIS B 223 -9.25 31.30 1.66
CA HIS B 223 -9.50 32.72 1.45
C HIS B 223 -8.19 33.50 1.37
N PHE B 224 -7.38 33.44 2.43
CA PHE B 224 -6.16 34.21 2.48
C PHE B 224 -5.13 33.54 3.38
N GLY B 225 -3.89 33.97 3.25
CA GLY B 225 -2.82 33.56 4.13
C GLY B 225 -1.87 32.57 3.49
N GLU B 226 -1.16 31.85 4.34
CA GLU B 226 -0.14 30.92 3.89
C GLU B 226 -0.76 29.60 3.42
N PRO B 227 0.00 28.81 2.67
CA PRO B 227 -0.57 27.60 2.04
C PRO B 227 -0.96 26.51 3.03
N LYS B 228 -1.75 25.58 2.50
CA LYS B 228 -2.19 24.39 3.22
C LYS B 228 -1.78 23.18 2.40
N SER B 229 -1.08 22.24 3.01
CA SER B 229 -0.59 21.07 2.28
C SER B 229 -1.45 19.86 2.61
N TRP B 230 -1.68 19.03 1.58
CA TRP B 230 -2.59 17.93 1.63
C TRP B 230 -1.90 16.64 1.21
N TYR B 231 -2.34 15.55 1.81
CA TYR B 231 -2.04 14.18 1.41
C TYR B 231 -3.37 13.48 1.15
N SER B 232 -3.38 12.58 0.17
CA SER B 232 -4.60 11.86 -0.18
C SER B 232 -4.33 10.42 -0.59
N VAL B 233 -5.24 9.53 -0.23
CA VAL B 233 -5.20 8.13 -0.63
C VAL B 233 -6.37 7.86 -1.55
N PRO B 234 -6.16 7.26 -2.72
CA PRO B 234 -7.26 6.94 -3.62
C PRO B 234 -8.36 6.13 -2.93
N PRO B 235 -9.64 6.48 -3.18
CA PRO B 235 -10.73 5.67 -2.63
C PRO B 235 -10.57 4.19 -2.91
N GLU B 236 -10.13 3.83 -4.12
CA GLU B 236 -9.95 2.43 -4.45
C GLU B 236 -8.89 1.76 -3.58
N HIS B 237 -8.08 2.52 -2.84
CA HIS B 237 -7.10 1.97 -1.91
C HIS B 237 -7.39 2.33 -0.45
N GLY B 238 -8.55 2.93 -0.16
CA GLY B 238 -8.83 3.35 1.20
C GLY B 238 -8.78 2.22 2.22
N LYS B 239 -9.28 1.04 1.82
CA LYS B 239 -9.29 -0.09 2.75
C LYS B 239 -7.88 -0.44 3.20
N ARG B 240 -6.89 -0.27 2.31
CA ARG B 240 -5.52 -0.55 2.71
C ARG B 240 -5.10 0.37 3.83
N LEU B 241 -5.39 1.67 3.71
CA LEU B 241 -5.03 2.58 4.78
C LEU B 241 -5.72 2.15 6.08
N GLU B 242 -6.99 1.74 6.00
CA GLU B 242 -7.70 1.34 7.22
C GLU B 242 -7.00 0.15 7.83
N ARG B 243 -6.63 -0.83 7.00
CA ARG B 243 -5.99 -2.02 7.53
C ARG B 243 -4.72 -1.61 8.28
N LEU B 244 -3.92 -0.75 7.65
CA LEU B 244 -2.67 -0.32 8.27
C LEU B 244 -2.97 0.36 9.58
N ALA B 245 -3.95 1.27 9.58
CA ALA B 245 -4.24 2.00 10.80
C ALA B 245 -4.69 1.04 11.88
N LYS B 246 -5.52 0.06 11.51
CA LYS B 246 -6.03 -0.88 12.49
C LYS B 246 -4.90 -1.67 13.11
N GLY B 247 -3.90 -2.02 12.30
CA GLY B 247 -2.77 -2.78 12.82
C GLY B 247 -1.95 -1.95 13.79
N PHE B 248 -1.82 -0.65 13.52
CA PHE B 248 -0.94 0.15 14.36
C PHE B 248 -1.64 0.68 15.60
N PHE B 249 -2.97 0.72 15.61
CA PHE B 249 -3.74 1.21 16.75
C PHE B 249 -4.82 0.18 17.11
N PRO B 250 -4.40 -1.02 17.51
CA PRO B 250 -5.38 -2.10 17.69
C PRO B 250 -6.40 -1.81 18.78
N GLY B 251 -6.03 -1.02 19.79
CA GLY B 251 -6.97 -0.72 20.86
C GLY B 251 -8.05 0.25 20.41
N SER B 252 -7.66 1.31 19.71
CA SER B 252 -8.66 2.22 19.16
C SER B 252 -9.61 1.47 18.23
N ALA B 253 -9.07 0.54 17.44
CA ALA B 253 -9.90 -0.21 16.51
C ALA B 253 -10.83 -1.17 17.24
N GLN B 254 -10.41 -1.72 18.37
CA GLN B 254 -11.32 -2.57 19.14
C GLN B 254 -12.42 -1.73 19.77
N SER B 255 -12.12 -0.47 20.13
CA SER B 255 -13.09 0.38 20.79
C SER B 255 -14.07 1.04 19.81
N CYS B 256 -13.70 1.25 18.55
CA CYS B 256 -14.62 1.91 17.63
C CYS B 256 -14.50 1.34 16.23
N GLU B 257 -15.66 1.10 15.62
CA GLU B 257 -15.73 0.57 14.26
C GLU B 257 -15.06 1.49 13.25
N ALA B 258 -15.00 2.78 13.53
CA ALA B 258 -14.44 3.75 12.58
C ALA B 258 -13.63 4.80 13.33
N PHE B 259 -12.56 4.37 14.01
CA PHE B 259 -11.85 5.29 14.91
C PHE B 259 -11.14 6.41 14.15
N LEU B 260 -10.83 6.23 12.85
CA LEU B 260 -10.25 7.33 12.09
C LEU B 260 -11.20 8.54 12.05
N ARG B 261 -12.51 8.29 12.17
CA ARG B 261 -13.44 9.40 12.18
C ARG B 261 -13.26 10.31 13.38
N HIS B 262 -12.58 9.84 14.43
CA HIS B 262 -12.25 10.72 15.55
C HIS B 262 -11.27 11.81 15.15
N LYS B 263 -10.64 11.69 13.98
CA LYS B 263 -9.72 12.71 13.45
C LYS B 263 -8.58 12.97 14.43
N MET B 264 -8.00 11.90 14.98
CA MET B 264 -6.89 12.00 15.89
C MET B 264 -5.63 11.31 15.40
N THR B 265 -5.67 10.62 14.26
CA THR B 265 -4.61 9.72 13.85
C THR B 265 -3.80 10.32 12.71
N LEU B 266 -2.51 10.54 12.96
CA LEU B 266 -1.62 11.13 11.98
C LEU B 266 -0.59 10.08 11.56
N ILE B 267 -0.39 9.93 10.26
CA ILE B 267 0.50 8.91 9.71
C ILE B 267 1.32 9.57 8.62
N SER B 268 2.64 9.53 8.77
CA SER B 268 3.52 10.24 7.86
C SER B 268 3.57 9.55 6.50
N PRO B 269 3.91 10.30 5.45
CA PRO B 269 4.02 9.68 4.11
C PRO B 269 5.07 8.58 4.04
N LEU B 270 6.12 8.65 4.87
CA LEU B 270 7.13 7.60 4.85
C LEU B 270 6.57 6.29 5.38
N MET B 271 5.73 6.34 6.40
CA MET B 271 5.02 5.16 6.86
C MET B 271 4.17 4.58 5.74
N LEU B 272 3.41 5.43 5.04
CA LEU B 272 2.56 4.93 3.96
C LEU B 272 3.41 4.24 2.89
N LYS B 273 4.51 4.89 2.49
CA LYS B 273 5.44 4.29 1.52
C LYS B 273 5.95 2.94 2.00
N LYS B 274 6.30 2.86 3.28
CA LYS B 274 6.90 1.67 3.84
C LYS B 274 5.94 0.49 3.77
N TYR B 275 4.64 0.74 3.85
CA TYR B 275 3.67 -0.35 3.81
C TYR B 275 2.87 -0.37 2.53
N GLY B 276 3.41 0.24 1.48
CA GLY B 276 2.85 0.11 0.14
C GLY B 276 1.47 0.70 -0.04
N ILE B 277 1.14 1.76 0.69
CA ILE B 277 -0.14 2.44 0.55
C ILE B 277 0.03 3.54 -0.49
N PRO B 278 -0.67 3.49 -1.63
CA PRO B 278 -0.55 4.58 -2.61
C PRO B 278 -1.10 5.88 -2.04
N PHE B 279 -0.44 6.97 -2.38
CA PHE B 279 -0.90 8.29 -1.96
C PHE B 279 -0.28 9.33 -2.87
N ASP B 280 -0.88 10.51 -2.86
CA ASP B 280 -0.36 11.66 -3.59
C ASP B 280 -0.37 12.84 -2.63
N LYS B 281 0.33 13.90 -2.99
CA LYS B 281 0.33 15.11 -2.17
C LYS B 281 0.20 16.32 -3.07
N VAL B 282 -0.28 17.41 -2.47
CA VAL B 282 -0.49 18.64 -3.23
C VAL B 282 -0.50 19.78 -2.23
N THR B 283 -0.12 20.96 -2.69
CA THR B 283 -0.13 22.14 -1.84
C THR B 283 -1.14 23.14 -2.39
N GLN B 284 -1.98 23.66 -1.50
CA GLN B 284 -3.09 24.54 -1.81
C GLN B 284 -2.68 25.96 -1.42
N GLU B 285 -2.70 26.87 -2.38
CA GLU B 285 -2.36 28.26 -2.14
C GLU B 285 -3.62 29.13 -2.07
N ALA B 286 -3.48 30.29 -1.45
CA ALA B 286 -4.63 31.17 -1.23
C ALA B 286 -5.34 31.44 -2.55
N GLY B 287 -6.67 31.56 -2.47
CA GLY B 287 -7.49 31.69 -3.65
C GLY B 287 -7.77 30.42 -4.42
N GLU B 288 -7.37 29.26 -3.89
CA GLU B 288 -7.57 28.01 -4.60
C GLU B 288 -8.57 27.11 -3.87
N PHE B 289 -9.19 26.21 -4.66
CA PHE B 289 -10.20 25.28 -4.19
C PHE B 289 -9.61 23.87 -4.12
N MET B 290 -9.98 23.13 -3.08
CA MET B 290 -9.74 21.69 -3.00
C MET B 290 -11.08 20.97 -2.90
N ILE B 291 -11.22 19.90 -3.68
CA ILE B 291 -12.39 19.03 -3.65
C ILE B 291 -11.93 17.67 -3.13
N THR B 292 -12.59 17.16 -2.09
CA THR B 292 -12.37 15.79 -1.68
C THR B 292 -13.58 14.97 -2.09
N PHE B 293 -13.33 13.69 -2.45
CA PHE B 293 -14.35 12.83 -3.02
C PHE B 293 -14.78 11.75 -2.03
N PRO B 294 -15.94 11.14 -2.25
CA PRO B 294 -16.42 10.11 -1.32
C PRO B 294 -15.41 9.00 -1.06
N TYR B 295 -15.17 8.74 0.22
CA TYR B 295 -14.24 7.72 0.69
C TYR B 295 -12.79 8.06 0.33
N GLY B 296 -12.49 9.33 0.08
CA GLY B 296 -11.12 9.73 -0.14
C GLY B 296 -10.47 10.15 1.15
N TYR B 297 -9.57 9.33 1.68
CA TYR B 297 -8.84 9.70 2.89
C TYR B 297 -7.87 10.83 2.61
N HIS B 298 -7.91 11.87 3.46
CA HIS B 298 -7.00 13.00 3.32
C HIS B 298 -6.52 13.46 4.70
N ALA B 299 -5.40 14.16 4.68
CA ALA B 299 -4.78 14.72 5.88
C ALA B 299 -3.88 15.85 5.42
N GLY B 300 -3.32 16.62 6.36
CA GLY B 300 -2.41 17.68 5.96
C GLY B 300 -2.12 18.66 7.08
N PHE B 301 -1.58 19.81 6.69
CA PHE B 301 -1.16 20.79 7.68
C PHE B 301 -1.08 22.18 7.06
N ASN B 302 -1.20 23.19 7.92
CA ASN B 302 -1.09 24.58 7.48
C ASN B 302 0.34 25.09 7.64
N HIS B 303 0.77 25.89 6.65
CA HIS B 303 2.10 26.48 6.68
C HIS B 303 2.18 27.64 7.65
N GLY B 304 1.09 28.38 7.82
CA GLY B 304 1.11 29.49 8.74
C GLY B 304 -0.25 30.07 9.01
N PHE B 305 -0.30 31.40 9.17
CA PHE B 305 -1.58 32.06 9.40
C PHE B 305 -2.40 31.97 8.12
N ASN B 306 -3.63 31.50 8.25
CA ASN B 306 -4.48 31.46 7.08
C ASN B 306 -5.92 31.26 7.51
N CYS B 307 -6.81 31.36 6.52
CA CYS B 307 -8.25 31.25 6.72
C CYS B 307 -8.80 30.38 5.60
N ALA B 308 -9.51 29.33 5.97
CA ALA B 308 -10.13 28.42 5.02
C ALA B 308 -11.61 28.31 5.34
N GLU B 309 -12.41 28.04 4.34
CA GLU B 309 -13.84 27.87 4.53
C GLU B 309 -14.23 26.58 3.82
N SER B 310 -15.09 25.79 4.44
CA SER B 310 -15.43 24.53 3.81
C SER B 310 -16.79 24.04 4.24
N THR B 311 -17.27 23.06 3.49
CA THR B 311 -18.52 22.36 3.80
C THR B 311 -18.55 21.07 2.99
N ASN B 312 -19.59 20.27 3.22
CA ASN B 312 -19.78 19.03 2.47
C ASN B 312 -20.80 19.22 1.36
N PHE B 313 -20.76 18.30 0.40
CA PHE B 313 -21.79 18.30 -0.64
C PHE B 313 -21.88 16.88 -1.20
N ALA B 314 -22.86 16.70 -2.09
CA ALA B 314 -23.16 15.38 -2.63
C ALA B 314 -23.39 15.46 -4.14
N THR B 315 -23.24 14.30 -4.77
CA THR B 315 -23.73 14.02 -6.10
C THR B 315 -24.53 12.73 -6.03
N ARG B 316 -25.15 12.33 -7.16
CA ARG B 316 -25.92 11.09 -7.16
C ARG B 316 -25.04 9.89 -6.82
N ARG B 317 -23.78 9.91 -7.29
CA ARG B 317 -22.81 8.87 -6.97
C ARG B 317 -22.63 8.68 -5.47
N TRP B 318 -22.77 9.76 -4.70
CA TRP B 318 -22.54 9.65 -3.26
C TRP B 318 -23.56 8.75 -2.57
N ILE B 319 -24.76 8.57 -3.15
CA ILE B 319 -25.82 7.93 -2.39
C ILE B 319 -25.37 6.54 -1.93
N GLU B 320 -24.76 5.77 -2.82
CA GLU B 320 -24.34 4.43 -2.42
C GLU B 320 -23.28 4.48 -1.34
N TYR B 321 -22.34 5.43 -1.45
CA TYR B 321 -21.37 5.63 -0.38
C TYR B 321 -22.08 5.93 0.94
N GLY B 322 -23.08 6.81 0.90
CA GLY B 322 -23.81 7.13 2.11
C GLY B 322 -24.47 5.90 2.69
N LYS B 323 -24.96 5.01 1.82
CA LYS B 323 -25.64 3.82 2.33
C LYS B 323 -24.66 2.86 2.99
N GLN B 324 -23.41 2.86 2.55
CA GLN B 324 -22.48 1.86 3.04
C GLN B 324 -21.46 2.43 4.02
N ALA B 325 -21.54 3.71 4.35
CA ALA B 325 -20.51 4.32 5.19
C ALA B 325 -20.47 3.63 6.55
N VAL B 326 -19.26 3.35 7.01
CA VAL B 326 -19.06 2.78 8.34
C VAL B 326 -18.84 3.92 9.32
N LEU B 327 -19.75 4.05 10.27
CA LEU B 327 -19.80 5.22 11.13
C LEU B 327 -19.20 4.93 12.49
N CYS B 328 -18.79 6.00 13.17
CA CYS B 328 -18.31 5.89 14.54
C CYS B 328 -19.44 5.39 15.43
N SER B 329 -19.13 4.37 16.22
CA SER B 329 -20.09 3.73 17.11
C SER B 329 -19.87 4.07 18.57
N CYS B 330 -18.84 4.86 18.90
CA CYS B 330 -18.42 5.01 20.29
C CYS B 330 -18.70 6.39 20.87
N ARG B 331 -19.20 7.34 20.08
CA ARG B 331 -19.38 8.70 20.56
C ARG B 331 -20.84 9.14 20.43
N LYS B 332 -21.24 10.04 21.32
CA LYS B 332 -22.59 10.56 21.35
C LYS B 332 -22.78 11.62 20.28
N ASP B 333 -23.90 11.51 19.55
CA ASP B 333 -24.30 12.53 18.57
C ASP B 333 -23.20 12.75 17.52
N MET B 334 -22.67 11.65 16.99
CA MET B 334 -21.89 11.73 15.77
C MET B 334 -22.83 11.93 14.59
N VAL B 335 -22.27 12.33 13.45
CA VAL B 335 -23.09 12.74 12.32
C VAL B 335 -23.64 11.50 11.63
N LYS B 336 -24.97 11.41 11.56
CA LYS B 336 -25.65 10.31 10.89
C LYS B 336 -26.81 10.87 10.09
N ILE B 337 -26.73 10.76 8.77
CA ILE B 337 -27.77 11.24 7.86
C ILE B 337 -28.65 10.07 7.47
N SER B 338 -29.97 10.25 7.56
CA SER B 338 -30.90 9.25 7.06
C SER B 338 -30.83 9.19 5.53
N MET B 339 -30.53 8.00 5.00
CA MET B 339 -30.41 7.79 3.56
C MET B 339 -31.74 7.50 2.90
N ASP B 340 -32.80 7.33 3.69
CA ASP B 340 -34.10 6.89 3.21
C ASP B 340 -34.61 7.76 2.08
N VAL B 341 -34.56 9.08 2.25
CA VAL B 341 -35.09 9.98 1.23
C VAL B 341 -34.30 9.84 -0.07
N PHE B 342 -32.98 9.67 0.04
CA PHE B 342 -32.14 9.57 -1.16
C PHE B 342 -32.41 8.27 -1.91
N VAL B 343 -32.63 7.18 -1.19
CA VAL B 343 -32.90 5.90 -1.84
C VAL B 343 -34.28 5.92 -2.49
N ARG B 344 -35.29 6.47 -1.79
CA ARG B 344 -36.62 6.57 -2.38
C ARG B 344 -36.60 7.39 -3.66
N LYS B 345 -35.93 8.54 -3.62
CA LYS B 345 -36.00 9.45 -4.76
C LYS B 345 -35.12 9.00 -5.91
N PHE B 346 -33.91 8.51 -5.64
CA PHE B 346 -33.00 8.18 -6.73
C PHE B 346 -32.78 6.69 -6.95
N GLN B 347 -33.19 5.82 -6.05
CA GLN B 347 -33.07 4.37 -6.24
C GLN B 347 -34.37 3.66 -5.93
N PRO B 348 -35.50 4.16 -6.44
CA PRO B 348 -36.79 3.57 -6.07
C PRO B 348 -36.82 2.07 -6.28
N GLU B 349 -36.23 1.59 -7.39
CA GLU B 349 -36.30 0.16 -7.68
C GLU B 349 -35.59 -0.68 -6.63
N ARG B 350 -34.66 -0.10 -5.86
CA ARG B 350 -33.93 -0.84 -4.85
C ARG B 350 -34.42 -0.58 -3.43
N TYR B 351 -35.37 0.34 -3.25
CA TYR B 351 -35.75 0.74 -1.91
C TYR B 351 -36.20 -0.47 -1.08
N LYS B 352 -37.15 -1.25 -1.60
CA LYS B 352 -37.61 -2.43 -0.86
C LYS B 352 -36.45 -3.36 -0.52
N LEU B 353 -35.55 -3.60 -1.47
CA LEU B 353 -34.43 -4.49 -1.22
C LEU B 353 -33.56 -3.95 -0.10
N TRP B 354 -33.39 -2.63 -0.08
CA TRP B 354 -32.45 -2.01 0.86
C TRP B 354 -33.03 -2.04 2.27
N LYS B 355 -34.30 -1.69 2.42
CA LYS B 355 -34.94 -1.78 3.73
C LYS B 355 -34.93 -3.20 4.28
N ALA B 356 -34.95 -4.19 3.40
CA ALA B 356 -34.90 -5.57 3.83
C ALA B 356 -33.48 -6.06 4.07
N GLY B 357 -32.48 -5.19 3.87
CA GLY B 357 -31.10 -5.57 4.12
C GLY B 357 -30.50 -6.48 3.07
N LYS B 358 -31.05 -6.49 1.86
CA LYS B 358 -30.60 -7.39 0.80
C LYS B 358 -29.91 -6.66 -0.35
N ASP B 359 -29.69 -5.35 -0.24
CA ASP B 359 -29.00 -4.60 -1.29
C ASP B 359 -27.51 -4.84 -1.16
N ASN B 360 -26.97 -5.72 -2.01
CA ASN B 360 -25.58 -6.12 -1.98
C ASN B 360 -24.76 -5.41 -3.06
N THR B 361 -25.18 -4.22 -3.46
CA THR B 361 -24.44 -3.47 -4.46
C THR B 361 -23.00 -3.28 -4.00
N VAL B 362 -22.06 -3.43 -4.93
CA VAL B 362 -20.65 -3.25 -4.67
C VAL B 362 -20.21 -1.96 -5.36
N ILE B 363 -19.50 -1.11 -4.63
CA ILE B 363 -19.14 0.18 -5.20
C ILE B 363 -17.90 0.02 -6.07
N ASP B 364 -17.94 0.63 -7.25
CA ASP B 364 -16.78 0.73 -8.15
C ASP B 364 -16.27 2.16 -8.06
N HIS B 365 -15.15 2.36 -7.35
CA HIS B 365 -14.67 3.70 -7.10
C HIS B 365 -14.19 4.39 -8.38
N THR B 366 -13.92 3.65 -9.45
CA THR B 366 -13.48 4.29 -10.68
C THR B 366 -14.62 4.97 -11.43
N LEU B 367 -15.85 4.55 -11.21
CA LEU B 367 -16.97 5.06 -12.00
C LEU B 367 -17.23 6.53 -11.71
N PRO B 368 -17.38 7.37 -12.74
CA PRO B 368 -17.85 8.75 -12.53
C PRO B 368 -19.31 8.80 -12.14
N THR B 369 -19.74 9.96 -11.63
CA THR B 369 -21.14 10.14 -11.28
C THR B 369 -22.00 10.19 -12.53
N PRO B 370 -23.24 9.70 -12.45
CA PRO B 370 -24.11 9.69 -13.65
C PRO B 370 -24.23 11.03 -14.37
N GLU B 371 -24.22 12.14 -13.62
CA GLU B 371 -24.40 13.45 -14.24
C GLU B 371 -23.32 13.77 -15.25
N ALA B 372 -22.27 12.95 -15.35
CA ALA B 372 -21.16 13.18 -16.27
C ALA B 372 -21.40 12.61 -17.64
N ALA B 373 -22.57 11.98 -17.87
CA ALA B 373 -22.84 11.37 -19.18
C ALA B 373 -22.54 12.34 -20.31
N GLU B 374 -23.06 13.56 -20.22
CA GLU B 374 -22.94 14.52 -21.31
C GLU B 374 -21.48 14.74 -21.69
N PHE B 375 -20.57 14.70 -20.71
CA PHE B 375 -19.17 14.97 -21.02
C PHE B 375 -18.49 13.75 -21.59
N LEU B 376 -18.93 12.54 -21.24
CA LEU B 376 -18.29 11.34 -21.74
C LEU B 376 -18.74 11.01 -23.17
N LYS B 377 -20.05 10.99 -23.40
CA LYS B 377 -20.58 10.72 -24.74
C LYS B 377 -20.77 12.02 -25.52
N ALA C 7 22.62 -31.05 -5.75
CA ALA C 7 22.81 -30.94 -7.18
C ALA C 7 22.36 -29.56 -7.66
N ARG C 8 21.06 -29.33 -7.74
CA ARG C 8 20.58 -28.00 -8.18
C ARG C 8 19.20 -27.65 -7.61
N M3L C 9 18.80 -26.42 -7.83
CA M3L C 9 17.57 -25.84 -7.35
CB M3L C 9 17.67 -24.35 -7.13
CG M3L C 9 16.36 -23.63 -6.83
CD M3L C 9 16.71 -22.15 -6.74
CE M3L C 9 15.45 -21.30 -6.60
NZ M3L C 9 15.62 -19.79 -6.56
C M3L C 9 16.62 -26.19 -8.50
O M3L C 9 16.97 -26.19 -9.69
CM1 M3L C 9 16.49 -19.35 -5.41
CM2 M3L C 9 14.29 -19.13 -6.48
CM3 M3L C 9 16.28 -19.32 -7.82
H M3L C 9 19.17 -25.85 -8.56
HA M3L C 9 17.18 -26.18 -6.34
HB2 M3L C 9 18.14 -23.91 -8.05
HB3 M3L C 9 18.38 -24.21 -6.27
HG2 M3L C 9 15.91 -24.00 -5.87
HG3 M3L C 9 15.62 -23.81 -7.65
HD2 M3L C 9 17.28 -21.86 -7.66
HD3 M3L C 9 17.38 -22.00 -5.85
HE2 M3L C 9 14.91 -21.59 -5.67
HE3 M3L C 9 14.78 -21.51 -7.48
HM11 M3L C 9 16.34 -18.25 -5.23
HM12 M3L C 9 17.56 -19.56 -5.65
HM13 M3L C 9 16.21 -19.91 -4.49
HM21 M3L C 9 14.29 -18.20 -7.11
HM22 M3L C 9 14.08 -18.85 -5.40
HM23 M3L C 9 13.49 -19.84 -6.84
HM31 M3L C 9 16.39 -18.21 -7.80
HM32 M3L C 9 15.66 -19.63 -8.70
HM33 M3L C 9 17.30 -19.79 -7.91
N SER C 10 15.39 -26.53 -8.15
CA SER C 10 14.39 -26.90 -9.14
C SER C 10 12.99 -26.58 -8.65
N ALA C 11 12.09 -26.32 -9.59
CA ALA C 11 10.68 -26.12 -9.30
C ALA C 11 9.99 -27.42 -8.92
N GLY C 12 10.71 -28.54 -8.92
CA GLY C 12 10.19 -29.80 -8.42
C GLY C 12 9.64 -30.71 -9.49
N ALA D 7 -26.02 17.30 16.13
CA ALA D 7 -24.75 16.83 15.62
C ALA D 7 -24.07 17.92 14.82
N ARG D 8 -22.75 17.85 14.70
CA ARG D 8 -21.99 18.83 13.92
C ARG D 8 -20.66 18.20 13.48
N M3L D 9 -20.01 18.85 12.54
CA M3L D 9 -18.74 18.43 11.99
CB M3L D 9 -18.44 19.17 10.71
CG M3L D 9 -17.29 18.59 9.91
CD M3L D 9 -17.38 19.23 8.53
CE M3L D 9 -15.99 19.59 8.07
NZ M3L D 9 -15.87 20.27 6.73
C M3L D 9 -17.77 18.80 13.12
O M3L D 9 -18.01 19.71 13.92
CM1 M3L D 9 -16.73 19.63 5.68
CM2 M3L D 9 -14.45 20.24 6.28
CM3 M3L D 9 -16.31 21.70 6.89
H M3L D 9 -20.15 19.83 12.35
HA M3L D 9 -18.62 17.35 11.67
HB2 M3L D 9 -18.20 20.24 11.00
HB3 M3L D 9 -19.37 19.19 10.09
HG2 M3L D 9 -17.37 17.48 9.84
HG3 M3L D 9 -16.31 18.83 10.39
HD2 M3L D 9 -18.04 20.14 8.60
HD3 M3L D 9 -17.87 18.51 7.83
HE2 M3L D 9 -15.36 18.65 8.02
HE3 M3L D 9 -15.51 20.28 8.84
HM11 M3L D 9 -16.44 20.01 4.66
HM12 M3L D 9 -17.81 19.87 5.87
HM13 M3L D 9 -16.59 18.52 5.70
HM21 M3L D 9 -14.35 20.81 5.32
HM22 M3L D 9 -14.13 19.17 6.12
HM23 M3L D 9 -13.81 20.71 7.07
HM31 M3L D 9 -16.56 22.14 5.89
HM32 M3L D 9 -15.49 22.29 7.37
HM33 M3L D 9 -17.22 21.74 7.55
N SER D 10 -16.66 18.08 13.18
CA SER D 10 -15.71 18.30 14.28
C SER D 10 -14.26 18.13 13.84
N ALA D 11 -13.37 18.92 14.44
CA ALA D 11 -11.95 18.86 14.13
C ALA D 11 -11.21 17.95 15.09
NI NI E . 11.36 -19.20 -3.22
ZN ZN F . 11.21 -35.35 0.14
CL CL G . -1.38 -37.44 1.86
C1 OGA H . 11.92 -17.12 -4.80
C2 OGA H . 10.79 -17.86 -5.53
C4 OGA H . 9.43 -18.22 -7.49
C5 OGA H . 9.45 -17.85 -8.97
O1 OGA H . 12.56 -16.23 -5.42
O2 OGA H . 12.20 -17.38 -3.60
O2' OGA H . 10.12 -18.87 -4.94
O3 OGA H . 8.66 -18.49 -9.71
N1 OGA H . 10.47 -17.50 -6.75
O4 OGA H . 10.24 -16.93 -9.34
H4C1 OGA H . 9.59 -19.17 -7.40
H4C2 OGA H . 8.57 -17.99 -7.11
H1 OGA H . 10.84 -16.85 -7.17
C1 GOL I . 10.35 -8.43 -24.18
O1 GOL I . 9.79 -9.40 -25.01
C2 GOL I . 9.25 -7.34 -23.96
O2 GOL I . 8.07 -7.91 -23.50
C3 GOL I . 9.92 -6.34 -23.01
O3 GOL I . 8.99 -5.31 -22.77
H11 GOL I . 11.14 -8.01 -24.56
H12 GOL I . 10.63 -8.78 -23.32
HO1 GOL I . 9.25 -9.85 -24.53
H2 GOL I . 8.99 -6.90 -24.79
HO2 GOL I . 7.82 -8.49 -24.07
H31 GOL I . 10.74 -6.04 -23.39
H32 GOL I . 10.17 -6.81 -22.19
HO3 GOL I . 8.22 -5.63 -22.98
C1 GOL J . 21.26 3.28 5.32
O1 GOL J . 22.50 2.88 4.81
C2 GOL J . 21.44 4.69 5.90
O2 GOL J . 21.92 5.59 4.95
C3 GOL J . 20.05 5.07 6.45
O3 GOL J . 20.16 6.34 7.02
H11 GOL J . 20.92 2.69 6.02
H12 GOL J . 20.56 3.30 4.64
HO1 GOL J . 22.89 3.58 4.57
H2 GOL J . 22.11 4.70 6.61
HO2 GOL J . 21.39 5.57 4.29
H31 GOL J . 19.77 4.38 7.07
H32 GOL J . 19.41 5.02 5.72
HO3 GOL J . 20.87 6.71 6.69
C1 GOL K . 13.83 -25.64 11.36
O1 GOL K . 12.64 -26.26 10.96
C2 GOL K . 13.53 -24.14 11.46
O2 GOL K . 12.53 -23.85 12.38
C3 GOL K . 14.87 -23.52 11.87
O3 GOL K . 14.69 -22.13 11.83
H11 GOL K . 14.56 -25.78 10.73
H12 GOL K . 14.15 -25.97 12.21
HO1 GOL K . 12.35 -25.80 10.30
H2 GOL K . 13.21 -23.80 10.61
HO2 GOL K . 11.99 -23.31 12.01
H31 GOL K . 15.57 -23.83 11.27
H32 GOL K . 15.12 -23.85 12.74
HO3 GOL K . 14.79 -21.89 11.02
NI NI L . -11.88 16.56 5.39
ZN ZN M . -15.83 6.20 17.52
CL CL N . -4.26 1.52 20.29
C1 OGA O . -11.91 18.95 4.49
C2 OGA O . -10.93 19.05 5.65
C4 OGA O . -9.30 20.25 6.92
C5 OGA O . -9.00 21.67 7.39
O1 OGA O . -12.22 19.96 3.81
O2 OGA O . -12.40 17.81 4.20
O2' OGA O . -10.56 17.95 6.31
O3 OGA O . -8.62 21.80 8.58
N1 OGA O . -10.44 20.22 6.02
O4 OGA O . -9.16 22.60 6.55
H4C1 OGA O . -8.52 19.91 6.46
H4C2 OGA O . -9.50 19.70 7.69
H1 OGA O . -10.75 20.98 5.77
C1 GOL P . -5.83 39.86 3.67
O1 GOL P . -5.05 39.40 2.58
C2 GOL P . -5.21 39.29 4.95
O2 GOL P . -3.87 39.65 5.10
C3 GOL P . -6.07 39.81 6.10
O3 GOL P . -5.45 39.40 7.29
H11 GOL P . -6.75 39.56 3.61
H12 GOL P . -5.86 40.82 3.73
HO1 GOL P . -4.24 39.41 2.85
H2 GOL P . -5.22 38.31 4.92
HO2 GOL P . -3.77 39.95 5.89
H31 GOL P . -6.97 39.48 6.00
H32 GOL P . -6.14 40.79 6.03
HO3 GOL P . -5.09 38.65 7.12
#